data_2J37
#
_entry.id   2J37
#
_cell.length_a   1.000
_cell.length_b   1.000
_cell.length_c   1.000
_cell.angle_alpha   90.00
_cell.angle_beta   90.00
_cell.angle_gamma   90.00
#
_symmetry.space_group_name_H-M   'P 1'
#
loop_
_entity.id
_entity.type
_entity.pdbx_description
1 polymer '60S RIBOSOMAL PROTEIN L23'
2 polymer 'RIBOSOMAL PROTEIN L35'
3 polymer 'RIBOSOMAL PROTEIN L31'
4 polymer 'SRP RNA'
5 polymer 'SIGNAL RECOGNITION PARTICLE 19 KDA PROTEIN (SRP19)'
6 polymer 'SIGNAL SEQUENCE'
7 polymer 'SIGNAL RECOGNITION PARTICLE 54 KDA PROTEIN (SRP54)'
8 polymer 'RIBOSOMAL RNA'
#
loop_
_entity_poly.entity_id
_entity_poly.type
_entity_poly.pdbx_seq_one_letter_code
_entity_poly.pdbx_strand_id
1 'polypeptide(L)'
;MAPKVAVAKKGDAKAQAAKVAKAVKSGSIKKTAKKIRTSVTFHRPKTLSKARDPKYPRISTPGRNKLDQYQILKYPLTTE
SAMKKIEDNNTLVFIVDLKADKKKIKAAVKKMYDIQAKKVNTLIRPDGKKKAYVKLTPDYDALDVANKIGII
;
4
2 'polypeptide(L)'
;MSSGKVKAGELWNKSKDDLTKQLAELKTELGQLRIQKVASSGSKLNRIHDIRKSIARVLTVINAKQRAQLRLFYKNKKYA
PLDLRAKQTRAIRRRLSPDEKSRVLEKTKKRTVHFPQRKFAIKA
;
5
3 'polypeptide(L)'
;MSEKKRAPGPRKDEVVTREYTVNLHKRLHGCTFKKKAPNAIKEIRKFAQKAMGTNDVRIDVKLNKHIWSSGIRSVPRRVR
VRIARKRNDEEDAKEELYSLVTVAEVPQEGLKGLGTKVVEDED
;
6
4 'polyribonucleotide'
;GACACUAAGUUCGGCAUCAAUAUGGUGACCUCCCGGGAGCGGGGGACCACCAGGUUGCCUAAGGAGGGGUGAACCGGCCC
AGGUCGGAAACGGAGCAGGUCAAAACUCCCGUGCUGAUCAGUAGUGUC
;
A
5 'polypeptide(L)'
;MRFICIYPAYLNNKKTIAEGRRIPISKAVENPTATEIQDVCSAVGLNVFLEKNKMYSREWNRDVQYRGRVRVQLKQEDGS
LCLVQFPSRKSVMLYAAEMIPKLKTRTQ
;
B
6 'polypeptide(L)' LGFPINFLTLYVTVQHK S
7 'polypeptide(L)'
;MVLADLGRKITSALRSLSNATIINEEVLNAMLKEVCTALLEADVNIKLVKQLRENVKSAIDLEEMASGLNKRKMIQHAVF
KELVKLVDPGVKAWTPTKGKQNVIMFVGLQGSGKTTTCSKLAYYYQRKGWKTCLICADTFRAGAFDQLKQNATKARIPFY
GSYTEMDPVIIASEGVEKFKNENFEIIIVDTSGRHKQEDSLFEEMLQVANAIQPDNIVYVMDASIGQACEAQAKAFKDKV
DVASVIVTKLDGHAKGGGALSAVAATKSPIIFIGTGEHIDDFEPFKTQPFISKLLGMGDIEGLIDKVNELKLDDNEALIE
KLKHGQFTLRDMYEQFQNIMKMGPFSQILGMIPGFGTDFMSKGNEQESMARLKKLMTIMDSMNDQELDSTDGAKVFSKQP
GRIQRVARGSGVSTRDVQELLTQYTKFAQMVKKMGGIKGLFKGGDMSKNVSQSQMAKLNQQMAKMMDPRVLHHMGGMAGL
QSMMRQFQQGAAGNMKGMMGFNNM
;
W
8 'polyribonucleotide'
;CUGCAAAGUACCCUCAGAAGGGAGGCGAAAUAGAGCACAGCGAUAGUCGGGUGAGAACCCCGACGGCCUAAUGGAUAAGG
GUUCCUCAGCACUGCUGAUCAGCUGAGGGUUAGCCGGUCCUAAGUCAUACCGCAACUCGACUAUGACGAAAUGGGAAACG
GGUUAAUAUUCCCGUGCCACGGGGUCGAUCACGCUGGGCAUCGCCCAGUCGAACCGUCCAACUCCGUGGAAGCCGUAAUG
GCAGGAAGCGGACGAACGGCGGCAUAGGGAAACGUGAUUC
;
Z
#
# COMPACT_ATOMS: atom_id res chain seq x y z
N GLN A 69 -8.02 -47.97 2.51
CA GLN A 69 -8.69 -48.02 1.24
C GLN A 69 -8.42 -46.71 0.53
N TYR A 70 -8.17 -46.79 -0.78
CA TYR A 70 -7.89 -45.64 -1.59
C TYR A 70 -9.16 -44.99 -2.12
N GLN A 71 -9.12 -43.66 -2.31
CA GLN A 71 -10.26 -42.94 -2.81
C GLN A 71 -10.07 -42.76 -4.29
N ILE A 72 -11.18 -42.64 -5.06
CA ILE A 72 -11.15 -42.49 -6.49
C ILE A 72 -10.61 -41.13 -6.83
N LEU A 73 -11.26 -40.04 -6.36
CA LEU A 73 -10.91 -38.71 -6.78
C LEU A 73 -9.86 -38.20 -5.85
N LYS A 74 -8.87 -37.47 -6.42
CA LYS A 74 -7.78 -36.92 -5.68
C LYS A 74 -7.93 -35.47 -5.51
N TYR A 75 -8.13 -34.73 -6.61
CA TYR A 75 -8.29 -33.30 -6.53
C TYR A 75 -8.56 -32.81 -7.93
N PRO A 76 -9.22 -31.68 -8.10
CA PRO A 76 -9.38 -31.10 -9.42
C PRO A 76 -8.10 -30.67 -10.07
N LEU A 77 -8.03 -30.77 -11.39
CA LEU A 77 -6.82 -30.35 -12.02
C LEU A 77 -7.19 -29.02 -12.53
N THR A 78 -6.43 -27.98 -12.13
CA THR A 78 -6.76 -26.65 -12.55
C THR A 78 -5.61 -26.23 -13.40
N THR A 79 -5.89 -25.88 -14.66
CA THR A 79 -4.86 -25.43 -15.53
C THR A 79 -5.57 -24.62 -16.54
N GLU A 80 -4.81 -23.89 -17.39
CA GLU A 80 -5.36 -23.15 -18.47
C GLU A 80 -6.22 -24.05 -19.32
N SER A 81 -5.70 -25.24 -19.70
CA SER A 81 -6.36 -26.13 -20.59
C SER A 81 -7.61 -26.66 -19.98
N ALA A 82 -7.57 -26.91 -18.66
CA ALA A 82 -8.69 -27.45 -17.97
C ALA A 82 -9.78 -26.42 -17.94
N MET A 83 -9.42 -25.12 -17.94
CA MET A 83 -10.36 -24.05 -17.94
C MET A 83 -11.07 -23.97 -19.27
N LYS A 84 -10.36 -24.15 -20.37
CA LYS A 84 -11.03 -24.06 -21.64
C LYS A 84 -12.00 -25.19 -21.80
N LYS A 85 -11.66 -26.34 -21.25
CA LYS A 85 -12.49 -27.47 -21.35
C LYS A 85 -13.71 -27.24 -20.52
N ILE A 86 -13.61 -26.55 -19.37
CA ILE A 86 -14.73 -26.27 -18.49
C ILE A 86 -15.63 -25.25 -19.13
N GLU A 87 -15.07 -24.16 -19.70
CA GLU A 87 -15.86 -23.07 -20.16
C GLU A 87 -16.48 -23.53 -21.45
N ASP A 88 -15.71 -24.15 -22.37
CA ASP A 88 -16.20 -24.25 -23.72
C ASP A 88 -16.73 -25.60 -24.07
N ASN A 89 -16.37 -26.61 -23.30
CA ASN A 89 -16.82 -27.93 -23.63
C ASN A 89 -17.23 -28.40 -22.35
N ASN A 90 -17.30 -27.54 -21.32
CA ASN A 90 -18.26 -27.87 -20.40
C ASN A 90 -17.70 -29.02 -19.53
N THR A 91 -16.48 -29.62 -19.69
CA THR A 91 -15.97 -30.69 -18.86
C THR A 91 -15.23 -30.34 -17.59
N LEU A 92 -14.98 -31.33 -16.71
CA LEU A 92 -14.24 -31.15 -15.49
C LEU A 92 -13.06 -32.08 -15.53
N VAL A 93 -11.90 -31.66 -14.98
CA VAL A 93 -10.68 -32.42 -15.07
C VAL A 93 -10.27 -32.76 -13.65
N PHE A 94 -9.90 -34.04 -13.39
CA PHE A 94 -9.52 -34.48 -12.08
C PHE A 94 -8.27 -35.32 -12.13
N ILE A 95 -7.58 -35.42 -10.98
CA ILE A 95 -6.46 -36.30 -10.73
C ILE A 95 -7.11 -37.43 -9.94
N VAL A 96 -9.25 -39.51 -9.92
CA VAL A 96 -7.79 -39.81 -9.90
C VAL A 96 -7.54 -41.12 -9.15
N ASP A 97 -6.33 -41.64 -9.31
CA ASP A 97 -5.98 -42.92 -8.64
C ASP A 97 -5.05 -43.79 -9.48
N LEU A 98 -5.22 -43.77 -10.79
CA LEU A 98 -4.28 -44.63 -11.66
C LEU A 98 -2.92 -43.94 -11.67
N LYS A 99 -5.79 -46.61 -11.15
CA LYS A 99 -6.52 -47.75 -11.64
C LYS A 99 -7.98 -47.47 -11.37
N ALA A 100 -8.46 -46.24 -11.28
CA ALA A 100 -9.86 -46.08 -10.99
C ALA A 100 -10.76 -46.75 -12.01
N ASP A 101 -10.35 -46.71 -13.25
CA ASP A 101 -11.13 -46.86 -14.43
C ASP A 101 -12.45 -47.43 -14.75
N LYS A 102 -12.90 -46.57 -15.78
CA LYS A 102 -13.49 -45.21 -16.08
C LYS A 102 -14.85 -44.96 -15.55
N LYS A 103 -15.48 -46.09 -15.42
CA LYS A 103 -16.72 -46.23 -14.79
C LYS A 103 -16.54 -45.67 -13.42
N LYS A 104 -15.49 -46.09 -12.69
CA LYS A 104 -15.41 -45.72 -11.32
C LYS A 104 -15.29 -44.25 -11.16
N ILE A 105 -14.62 -43.59 -12.10
CA ILE A 105 -14.46 -42.17 -12.09
C ILE A 105 -15.79 -41.53 -12.29
N LYS A 106 -16.62 -42.05 -13.22
CA LYS A 106 -17.90 -41.50 -13.54
C LYS A 106 -18.81 -41.55 -12.35
N ALA A 107 -18.79 -42.67 -11.62
CA ALA A 107 -19.67 -42.82 -10.50
C ALA A 107 -19.22 -41.90 -9.40
N ALA A 108 -17.94 -41.97 -9.02
CA ALA A 108 -17.38 -41.19 -7.95
C ALA A 108 -17.72 -39.75 -8.15
N VAL A 109 -17.52 -39.22 -9.38
CA VAL A 109 -17.76 -37.83 -9.68
C VAL A 109 -19.18 -37.48 -9.41
N LYS A 110 -20.15 -38.34 -9.80
CA LYS A 110 -21.53 -38.06 -9.69
C LYS A 110 -21.81 -37.90 -8.24
N LYS A 111 -21.47 -38.89 -7.44
CA LYS A 111 -21.90 -38.92 -6.08
C LYS A 111 -21.31 -37.81 -5.26
N MET A 112 -20.20 -37.19 -5.73
CA MET A 112 -19.54 -36.17 -4.97
C MET A 112 -20.11 -34.82 -5.29
N TYR A 113 -20.59 -34.58 -6.52
CA TYR A 113 -20.93 -33.24 -6.89
C TYR A 113 -22.37 -33.18 -7.33
N ASP A 114 -23.08 -34.31 -7.29
CA ASP A 114 -24.51 -34.37 -7.56
C ASP A 114 -24.85 -33.95 -8.96
N ILE A 115 -24.32 -34.71 -10.01
CA ILE A 115 -24.35 -34.32 -11.42
C ILE A 115 -24.52 -35.41 -12.37
N GLN A 116 -24.59 -35.22 -13.70
CA GLN A 116 -24.73 -36.37 -14.54
C GLN A 116 -23.55 -36.44 -15.45
N ALA A 117 -22.75 -37.51 -15.33
CA ALA A 117 -21.56 -37.63 -16.12
C ALA A 117 -21.87 -38.31 -17.42
N LYS A 118 -21.48 -37.65 -18.52
CA LYS A 118 -21.78 -38.12 -19.84
C LYS A 118 -20.69 -38.94 -20.39
N LYS A 119 -19.44 -38.59 -20.10
CA LYS A 119 -18.40 -39.43 -20.61
C LYS A 119 -17.20 -39.21 -19.71
N VAL A 120 -16.22 -40.16 -19.79
CA VAL A 120 -14.94 -39.98 -19.13
C VAL A 120 -13.81 -40.39 -20.07
N ASN A 121 -12.70 -39.61 -20.14
CA ASN A 121 -11.54 -39.93 -20.95
C ASN A 121 -10.40 -39.92 -19.97
N THR A 122 -9.45 -40.88 -20.03
CA THR A 122 -8.46 -41.04 -19.00
C THR A 122 -7.11 -41.10 -19.64
N LEU A 123 -6.03 -40.61 -18.96
CA LEU A 123 -4.67 -40.63 -19.38
C LEU A 123 -3.79 -40.89 -18.16
N ILE A 124 -2.75 -41.74 -18.28
CA ILE A 124 -1.69 -41.95 -17.31
C ILE A 124 -0.72 -40.93 -17.90
N ARG A 125 -0.63 -39.66 -17.48
CA ARG A 125 0.41 -38.94 -16.87
C ARG A 125 1.45 -38.34 -17.79
N PRO A 126 2.74 -38.16 -17.50
CA PRO A 126 3.46 -38.68 -16.34
C PRO A 126 3.34 -37.66 -15.23
N ASP A 127 3.24 -38.20 -13.99
CA ASP A 127 2.98 -37.47 -12.77
C ASP A 127 2.96 -38.58 -11.77
N GLY A 128 2.51 -39.77 -12.20
CA GLY A 128 2.44 -40.91 -11.32
C GLY A 128 1.03 -40.98 -10.82
N LYS A 129 0.12 -40.19 -11.41
CA LYS A 129 -1.28 -40.22 -11.06
C LYS A 129 -2.01 -40.64 -12.30
N LYS A 130 -3.26 -40.21 -12.49
CA LYS A 130 -3.99 -40.43 -13.70
C LYS A 130 -4.86 -39.22 -13.83
N LYS A 131 -5.17 -38.78 -15.07
CA LYS A 131 -6.00 -37.62 -15.29
C LYS A 131 -7.23 -38.07 -16.01
N ALA A 132 -8.40 -37.54 -15.57
CA ALA A 132 -9.66 -37.91 -16.13
C ALA A 132 -10.35 -36.65 -16.58
N TYR A 133 -10.82 -36.64 -17.84
CA TYR A 133 -11.52 -35.53 -18.41
C TYR A 133 -12.93 -36.01 -18.34
N VAL A 134 -13.82 -35.41 -17.53
CA VAL A 134 -15.17 -35.84 -17.30
C VAL A 134 -16.14 -34.80 -17.83
N LYS A 135 -17.04 -35.14 -18.75
CA LYS A 135 -17.85 -34.17 -19.49
C LYS A 135 -19.18 -34.44 -18.87
N LEU A 136 -19.93 -33.36 -18.61
CA LEU A 136 -21.15 -33.41 -17.86
C LEU A 136 -22.26 -33.15 -18.80
N THR A 137 -23.50 -33.30 -18.31
CA THR A 137 -24.62 -33.05 -19.15
C THR A 137 -24.72 -31.55 -19.30
N PRO A 138 -25.33 -31.11 -20.39
CA PRO A 138 -25.69 -29.72 -20.53
C PRO A 138 -26.48 -29.08 -19.42
N ASP A 139 -27.41 -29.76 -18.70
CA ASP A 139 -28.07 -29.00 -17.66
C ASP A 139 -27.26 -28.95 -16.40
N TYR A 140 -26.32 -29.88 -16.21
CA TYR A 140 -25.43 -29.84 -15.09
C TYR A 140 -24.58 -28.58 -15.21
N ASP A 141 -24.08 -28.33 -16.43
CA ASP A 141 -23.04 -27.40 -16.77
C ASP A 141 -22.36 -26.39 -15.91
N ALA A 142 -21.01 -26.80 -15.94
CA ALA A 142 -19.73 -27.14 -15.21
C ALA A 142 -18.88 -26.11 -14.52
N LEU A 143 -18.86 -24.93 -15.13
CA LEU A 143 -18.37 -23.72 -14.55
C LEU A 143 -18.85 -23.57 -13.15
N ASP A 144 -20.13 -23.92 -12.88
CA ASP A 144 -20.74 -23.74 -11.60
C ASP A 144 -20.26 -24.75 -10.60
N VAL A 145 -20.09 -26.01 -11.00
CA VAL A 145 -19.69 -27.06 -10.11
C VAL A 145 -18.35 -26.82 -9.60
N ALA A 146 -17.51 -26.24 -10.45
CA ALA A 146 -16.15 -26.04 -10.09
C ALA A 146 -16.03 -24.81 -9.24
N ASN A 147 -16.97 -23.85 -9.34
CA ASN A 147 -16.86 -22.59 -8.64
C ASN A 147 -17.07 -22.77 -7.15
N LYS A 148 -17.71 -23.85 -6.71
CA LYS A 148 -18.01 -23.98 -5.30
C LYS A 148 -16.87 -24.61 -4.55
N ILE A 149 -15.69 -24.85 -5.21
CA ILE A 149 -14.55 -25.46 -4.57
C ILE A 149 -13.34 -24.64 -4.88
N GLY B 4 -3.79 -37.92 16.36
CA GLY B 4 -3.48 -36.96 17.39
C GLY B 4 -4.74 -36.52 18.07
N LYS B 5 -5.38 -35.46 17.55
CA LYS B 5 -6.59 -34.91 18.12
C LYS B 5 -7.65 -35.99 18.33
N VAL B 6 -7.54 -37.16 17.64
CA VAL B 6 -8.45 -38.26 17.78
C VAL B 6 -7.71 -39.52 18.17
N LYS B 7 -7.89 -39.97 19.44
CA LYS B 7 -7.26 -41.14 19.95
C LYS B 7 -7.99 -42.42 19.79
N ALA B 8 -7.26 -43.56 19.88
CA ALA B 8 -7.81 -44.88 19.71
C ALA B 8 -8.88 -45.20 20.73
N GLY B 9 -8.69 -44.78 22.00
CA GLY B 9 -9.67 -45.04 23.04
C GLY B 9 -10.97 -44.41 22.66
N GLU B 10 -10.91 -43.14 22.20
CA GLU B 10 -12.06 -42.38 21.83
C GLU B 10 -12.81 -43.01 20.67
N LEU B 11 -12.11 -43.74 19.79
CA LEU B 11 -12.71 -44.38 18.65
C LEU B 11 -13.45 -45.61 19.11
N TRP B 12 -12.90 -46.32 20.10
CA TRP B 12 -13.50 -47.52 20.61
C TRP B 12 -14.66 -47.12 21.46
N ASN B 13 -14.62 -45.86 21.92
CA ASN B 13 -15.59 -45.37 22.83
C ASN B 13 -16.82 -45.20 22.01
N LYS B 14 -16.66 -44.72 20.76
CA LYS B 14 -17.76 -44.41 19.93
C LYS B 14 -18.52 -45.58 19.48
N SER B 15 -19.83 -45.38 19.18
CA SER B 15 -20.70 -46.46 18.78
C SER B 15 -20.40 -46.74 17.32
N LYS B 16 -20.91 -47.88 16.78
CA LYS B 16 -20.71 -48.33 15.42
C LYS B 16 -21.20 -47.27 14.50
N ASP B 17 -22.32 -46.64 14.88
CA ASP B 17 -22.93 -45.59 14.11
C ASP B 17 -22.15 -44.29 14.20
N ASP B 18 -21.41 -44.07 15.30
CA ASP B 18 -20.72 -42.84 15.54
C ASP B 18 -19.42 -42.88 14.80
N LEU B 19 -18.88 -44.08 14.56
CA LEU B 19 -17.67 -44.24 13.81
C LEU B 19 -17.95 -43.92 12.40
N THR B 20 -19.06 -44.41 11.85
CA THR B 20 -19.44 -44.15 10.49
C THR B 20 -19.70 -42.68 10.30
N LYS B 21 -20.35 -42.04 11.28
CA LYS B 21 -20.65 -40.65 11.18
C LYS B 21 -19.36 -39.86 11.28
N GLN B 22 -18.43 -40.32 12.11
CA GLN B 22 -17.16 -39.68 12.30
C GLN B 22 -16.33 -39.89 11.07
N LEU B 23 -16.49 -41.05 10.42
CA LEU B 23 -15.77 -41.43 9.25
C LEU B 23 -16.13 -40.49 8.15
N ALA B 24 -17.43 -40.43 7.80
CA ALA B 24 -17.90 -39.59 6.75
C ALA B 24 -17.57 -38.14 7.02
N GLU B 25 -17.33 -37.78 8.29
CA GLU B 25 -16.97 -36.45 8.64
C GLU B 25 -15.53 -36.23 8.24
N LEU B 26 -14.64 -37.15 8.58
CA LEU B 26 -13.25 -36.96 8.28
C LEU B 26 -13.03 -36.92 6.80
N LYS B 27 -13.71 -37.79 6.05
CA LYS B 27 -13.59 -37.81 4.63
C LYS B 27 -13.90 -36.39 4.15
N THR B 28 -14.97 -35.77 4.61
CA THR B 28 -15.34 -34.46 4.14
C THR B 28 -14.25 -33.44 4.42
N GLU B 29 -13.63 -33.46 5.62
CA GLU B 29 -12.60 -32.52 5.95
C GLU B 29 -11.51 -32.71 4.96
N LEU B 30 -11.17 -33.97 4.68
CA LEU B 30 -10.15 -34.34 3.76
C LEU B 30 -10.44 -33.79 2.39
N GLY B 31 -11.63 -34.08 1.85
CA GLY B 31 -12.03 -33.65 0.54
C GLY B 31 -11.91 -32.17 0.45
N GLN B 32 -12.26 -31.40 1.49
CA GLN B 32 -12.19 -29.97 1.42
C GLN B 32 -10.77 -29.49 1.52
N LEU B 33 -9.87 -30.27 2.12
CA LEU B 33 -8.49 -29.91 2.23
C LEU B 33 -7.84 -30.06 0.90
N ARG B 34 -8.22 -31.10 0.16
CA ARG B 34 -7.69 -31.36 -1.15
C ARG B 34 -8.19 -30.34 -2.12
N ILE B 35 -9.39 -29.79 -1.88
CA ILE B 35 -9.98 -28.77 -2.71
C ILE B 35 -9.18 -27.50 -2.51
N GLN B 36 -9.26 -26.05 -1.97
CA GLN B 36 -7.93 -25.45 -1.61
C GLN B 36 -6.73 -26.29 -1.97
N LYS B 37 -6.86 -27.59 -2.00
CA LYS B 37 -5.80 -28.56 -2.32
C LYS B 37 -5.29 -28.37 -3.74
N VAL B 38 -6.21 -28.19 -4.66
CA VAL B 38 -5.89 -27.94 -6.08
C VAL B 38 -5.78 -26.43 -6.37
N ALA B 39 -6.42 -25.60 -5.59
CA ALA B 39 -6.41 -24.11 -5.80
C ALA B 39 -6.24 -23.41 -4.45
N SER B 40 -5.50 -22.93 -3.96
CA SER B 40 -4.58 -22.51 -2.93
C SER B 40 -4.62 -23.52 -1.79
N SER B 41 -3.52 -23.66 -1.09
CA SER B 41 -3.37 -24.55 0.09
C SER B 41 -3.21 -23.54 1.25
N GLY B 42 -4.27 -23.47 2.03
CA GLY B 42 -4.33 -22.55 3.16
C GLY B 42 -3.17 -22.69 4.09
N SER B 43 -3.29 -24.16 4.11
CA SER B 43 -2.49 -24.82 5.09
C SER B 43 -1.16 -25.50 5.24
N LYS B 44 -1.42 -26.57 6.19
CA LYS B 44 -1.26 -27.04 7.59
C LYS B 44 -1.12 -28.51 7.49
N LEU B 45 -0.28 -28.87 6.52
CA LEU B 45 0.21 -30.15 6.13
C LEU B 45 0.13 -31.29 7.12
N ASN B 46 0.42 -31.02 8.39
CA ASN B 46 0.32 -31.98 9.45
C ASN B 46 -1.06 -32.59 9.57
N ARG B 47 -2.13 -31.90 9.13
CA ARG B 47 -3.47 -32.38 9.31
C ARG B 47 -3.96 -33.19 8.17
N ILE B 48 -3.73 -32.79 6.92
CA ILE B 48 -4.18 -33.51 5.78
C ILE B 48 -3.60 -34.92 5.85
N HIS B 49 -2.49 -35.07 6.57
CA HIS B 49 -1.84 -36.31 6.81
C HIS B 49 -2.49 -37.02 7.96
N ASP B 50 -2.89 -36.29 9.00
CA ASP B 50 -3.54 -36.83 10.17
C ASP B 50 -4.92 -37.32 9.80
N ILE B 51 -5.61 -36.62 8.89
CA ILE B 51 -6.93 -36.98 8.43
C ILE B 51 -6.89 -38.35 7.83
N ARG B 52 -5.80 -38.71 7.13
CA ARG B 52 -5.69 -39.99 6.51
C ARG B 52 -5.51 -41.07 7.55
N LYS B 53 -4.64 -40.82 8.54
CA LYS B 53 -4.38 -41.80 9.55
C LYS B 53 -5.60 -41.97 10.38
N SER B 54 -6.30 -40.89 10.78
CA SER B 54 -7.53 -40.96 11.53
C SER B 54 -8.51 -41.86 10.88
N ILE B 55 -8.67 -41.72 9.57
CA ILE B 55 -9.58 -42.51 8.80
C ILE B 55 -9.16 -43.96 8.84
N ALA B 56 -7.86 -44.23 8.81
CA ALA B 56 -7.36 -45.57 8.84
C ALA B 56 -7.69 -46.22 10.15
N ARG B 57 -7.50 -45.50 11.27
CA ARG B 57 -7.76 -46.00 12.59
C ARG B 57 -9.21 -46.39 12.71
N VAL B 58 -10.13 -45.51 12.31
CA VAL B 58 -11.55 -45.76 12.39
C VAL B 58 -11.86 -47.04 11.64
N LEU B 59 -11.36 -47.18 10.41
CA LEU B 59 -11.64 -48.36 9.64
C LEU B 59 -11.07 -49.59 10.31
N THR B 60 -9.89 -49.47 10.94
CA THR B 60 -9.27 -50.57 11.61
C THR B 60 -10.17 -51.02 12.74
N VAL B 61 -10.67 -50.06 13.54
CA VAL B 61 -11.50 -50.35 14.68
C VAL B 61 -12.82 -50.95 14.24
N ILE B 62 -13.47 -50.40 13.19
CA ILE B 62 -14.73 -50.90 12.68
C ILE B 62 -14.54 -52.35 12.39
N ASN B 63 -13.38 -52.75 11.89
CA ASN B 63 -13.11 -54.11 11.54
C ASN B 63 -12.94 -54.96 12.78
N ALA B 64 -12.20 -54.47 13.78
CA ALA B 64 -11.93 -55.22 14.97
C ALA B 64 -13.21 -55.49 15.74
N LYS B 65 -14.06 -54.46 15.86
CA LYS B 65 -15.25 -54.53 16.63
C LYS B 65 -16.34 -55.30 15.96
N GLN B 66 -16.32 -55.41 14.61
CA GLN B 66 -17.32 -56.12 13.85
C GLN B 66 -18.30 -55.13 13.33
N ARG B 67 -17.91 -53.86 13.27
CA ARG B 67 -18.61 -52.75 12.69
C ARG B 67 -18.76 -51.81 13.78
N THR C 17 31.60 12.48 -46.69
CA THR C 17 30.79 11.64 -47.50
C THR C 17 31.26 11.85 -48.92
N ARG C 18 31.69 10.78 -49.63
CA ARG C 18 32.39 10.94 -50.90
C ARG C 18 32.22 9.61 -51.58
N GLU C 19 32.70 9.49 -52.83
CA GLU C 19 32.37 8.42 -53.74
C GLU C 19 33.76 7.92 -53.92
N TYR C 20 33.95 6.59 -54.03
CA TYR C 20 35.26 6.04 -54.10
C TYR C 20 35.19 4.79 -54.88
N THR C 21 36.31 4.46 -55.56
CA THR C 21 36.36 3.38 -56.46
C THR C 21 37.24 2.35 -55.82
N VAL C 22 36.65 1.18 -55.51
CA VAL C 22 37.33 0.18 -54.76
C VAL C 22 37.84 -0.69 -55.83
N ASN C 23 39.17 -0.79 -55.82
CA ASN C 23 39.88 -1.83 -56.52
C ASN C 23 39.99 -2.67 -55.30
N LEU C 24 41.18 -3.04 -54.83
CA LEU C 24 41.36 -4.12 -53.88
C LEU C 24 40.68 -5.44 -54.19
N HIS C 25 39.49 -5.48 -54.80
CA HIS C 25 38.96 -6.52 -55.62
C HIS C 25 39.98 -7.19 -56.47
N LYS C 26 40.92 -6.48 -57.16
CA LYS C 26 41.98 -7.18 -57.85
C LYS C 26 42.76 -8.13 -56.99
N ARG C 27 42.81 -7.87 -55.67
CA ARG C 27 43.67 -8.62 -54.82
C ARG C 27 42.96 -9.93 -54.67
N LEU C 28 41.62 -10.01 -54.85
CA LEU C 28 40.80 -11.17 -54.52
C LEU C 28 41.10 -12.29 -55.44
N HIS C 29 42.00 -12.08 -56.40
CA HIS C 29 42.32 -13.09 -57.33
C HIS C 29 43.38 -13.93 -56.70
N GLY C 30 44.09 -13.41 -55.67
CA GLY C 30 45.09 -14.16 -54.96
C GLY C 30 44.51 -15.23 -54.10
N CYS C 31 43.19 -15.39 -54.10
CA CYS C 31 42.59 -16.42 -53.33
C CYS C 31 41.94 -17.16 -54.42
N THR C 32 41.79 -18.49 -54.26
CA THR C 32 41.04 -19.25 -55.18
C THR C 32 39.67 -18.76 -55.43
N PHE C 33 39.17 -19.23 -56.58
CA PHE C 33 38.21 -18.53 -57.31
C PHE C 33 36.87 -18.83 -56.77
N LYS C 34 36.67 -19.99 -56.12
CA LYS C 34 35.36 -20.32 -55.67
C LYS C 34 34.97 -19.56 -54.43
N LYS C 35 35.77 -18.57 -53.97
CA LYS C 35 35.51 -17.95 -52.70
C LYS C 35 35.82 -16.49 -52.86
N LYS C 36 35.65 -15.94 -54.08
CA LYS C 36 36.23 -14.64 -54.30
C LYS C 36 35.35 -13.64 -53.66
N ALA C 37 34.02 -13.87 -53.76
CA ALA C 37 33.00 -13.06 -53.20
C ALA C 37 33.29 -12.81 -51.74
N PRO C 38 33.52 -13.75 -50.82
CA PRO C 38 33.78 -13.34 -49.45
C PRO C 38 35.03 -12.54 -49.31
N ASN C 39 36.03 -12.76 -50.19
CA ASN C 39 37.28 -12.08 -50.04
C ASN C 39 37.03 -10.66 -50.41
N ALA C 40 36.10 -10.42 -51.36
CA ALA C 40 35.78 -9.14 -51.89
C ALA C 40 35.23 -8.30 -50.84
N ILE C 41 34.31 -8.89 -50.06
CA ILE C 41 33.53 -8.20 -49.11
C ILE C 41 34.48 -7.71 -48.06
N LYS C 42 35.61 -8.43 -47.87
CA LYS C 42 36.50 -8.07 -46.81
C LYS C 42 37.36 -6.96 -47.30
N GLU C 43 37.57 -6.84 -48.62
CA GLU C 43 38.57 -5.96 -49.10
C GLU C 43 37.97 -4.60 -49.07
N ILE C 44 36.66 -4.53 -49.36
CA ILE C 44 35.93 -3.30 -49.40
C ILE C 44 35.86 -2.74 -48.04
N ARG C 45 35.80 -3.61 -47.03
CA ARG C 45 35.67 -3.17 -45.69
C ARG C 45 36.98 -2.57 -45.28
N LYS C 46 38.10 -3.15 -45.75
CA LYS C 46 39.39 -2.70 -45.30
C LYS C 46 39.79 -1.46 -46.03
N PHE C 47 39.17 -1.22 -47.20
CA PHE C 47 39.54 -0.14 -48.06
C PHE C 47 38.95 1.06 -47.42
N ALA C 48 37.71 0.89 -46.93
CA ALA C 48 36.96 2.00 -46.48
C ALA C 48 37.42 2.28 -45.12
N GLN C 49 37.88 1.27 -44.35
CA GLN C 49 38.52 1.55 -43.09
C GLN C 49 39.73 2.43 -43.20
N LYS C 50 40.42 2.49 -44.35
CA LYS C 50 41.79 2.93 -44.31
C LYS C 50 41.84 4.40 -44.63
N ALA C 51 41.00 4.91 -45.54
CA ALA C 51 41.47 5.98 -46.42
C ALA C 51 40.82 7.28 -46.01
N MET C 52 40.35 7.35 -44.75
CA MET C 52 38.98 7.16 -44.39
C MET C 52 39.23 6.56 -43.05
N GLY C 53 40.18 7.12 -42.28
CA GLY C 53 40.55 6.56 -41.01
C GLY C 53 39.30 6.65 -40.22
N THR C 54 38.61 7.81 -40.32
CA THR C 54 37.44 7.93 -39.55
C THR C 54 36.23 7.26 -40.21
N ASN C 55 36.27 5.92 -40.46
CA ASN C 55 35.24 5.25 -41.22
C ASN C 55 35.08 3.78 -40.79
N ASP C 56 34.09 3.45 -39.86
CA ASP C 56 33.50 2.14 -39.45
C ASP C 56 32.92 1.49 -40.62
N VAL C 57 32.57 0.23 -40.57
CA VAL C 57 32.48 -0.43 -41.80
C VAL C 57 31.23 -1.22 -41.73
N ARG C 58 30.13 -0.46 -41.83
CA ARG C 58 28.83 -0.97 -42.15
C ARG C 58 28.68 -0.89 -43.63
N ILE C 59 28.38 -2.06 -44.24
CA ILE C 59 28.25 -2.22 -45.65
C ILE C 59 26.81 -2.50 -45.92
N ASP C 60 26.11 -1.56 -46.58
CA ASP C 60 24.72 -1.76 -46.90
C ASP C 60 24.67 -2.89 -47.84
N VAL C 61 23.62 -3.73 -47.68
CA VAL C 61 23.29 -4.93 -48.42
C VAL C 61 23.41 -4.77 -49.92
N LYS C 62 23.38 -3.54 -50.43
CA LYS C 62 23.34 -3.28 -51.83
C LYS C 62 24.69 -3.65 -52.34
N LEU C 63 25.72 -3.36 -51.54
CA LEU C 63 27.09 -3.57 -51.90
C LEU C 63 27.30 -5.05 -51.93
N ASN C 64 26.65 -5.78 -51.01
CA ASN C 64 26.92 -7.18 -50.85
C ASN C 64 26.36 -7.84 -52.05
N LYS C 65 25.22 -7.32 -52.55
CA LYS C 65 24.49 -7.95 -53.60
C LYS C 65 25.25 -7.72 -54.86
N HIS C 66 25.88 -6.54 -54.98
CA HIS C 66 26.65 -6.18 -56.14
C HIS C 66 27.74 -7.18 -56.35
N ILE C 67 28.45 -7.58 -55.28
CA ILE C 67 29.61 -8.42 -55.42
C ILE C 67 29.20 -9.82 -55.69
N TRP C 68 27.96 -10.18 -55.31
CA TRP C 68 27.61 -11.57 -55.29
C TRP C 68 26.76 -11.75 -56.52
N SER C 69 26.82 -10.80 -57.48
CA SER C 69 25.82 -10.70 -58.50
C SER C 69 25.96 -11.89 -59.38
N SER C 70 27.19 -12.18 -59.86
CA SER C 70 27.41 -13.33 -60.68
C SER C 70 27.95 -14.50 -59.91
N GLY C 71 27.64 -14.57 -58.60
CA GLY C 71 27.87 -15.77 -57.86
C GLY C 71 29.16 -15.59 -57.16
N ILE C 72 29.59 -16.64 -56.42
CA ILE C 72 30.65 -16.51 -55.45
C ILE C 72 31.97 -16.38 -56.18
N ARG C 73 32.00 -16.70 -57.49
CA ARG C 73 33.25 -17.02 -58.10
C ARG C 73 33.60 -15.90 -59.04
N SER C 74 32.65 -14.99 -59.35
CA SER C 74 32.82 -14.11 -60.48
C SER C 74 32.54 -12.71 -59.99
N VAL C 75 33.41 -12.21 -59.09
CA VAL C 75 33.28 -10.91 -58.47
C VAL C 75 33.74 -9.83 -59.44
N PRO C 76 33.25 -8.60 -59.52
CA PRO C 76 33.76 -7.68 -60.54
C PRO C 76 35.09 -7.16 -60.08
N ARG C 77 35.75 -6.34 -60.89
CA ARG C 77 37.14 -6.07 -60.64
C ARG C 77 37.16 -4.76 -59.90
N ARG C 78 35.98 -4.14 -59.68
CA ARG C 78 35.91 -2.77 -59.27
C ARG C 78 34.52 -2.65 -58.74
N VAL C 79 34.28 -1.73 -57.79
CA VAL C 79 32.95 -1.33 -57.39
C VAL C 79 33.07 0.10 -56.98
N ARG C 80 31.96 0.86 -57.04
CA ARG C 80 31.97 2.29 -56.90
C ARG C 80 31.11 2.27 -55.68
N VAL C 81 31.48 3.04 -54.64
CA VAL C 81 30.86 2.89 -53.35
C VAL C 81 30.78 4.28 -52.85
N ARG C 82 29.72 4.59 -52.10
CA ARG C 82 29.40 5.93 -51.70
C ARG C 82 29.39 5.67 -50.26
N ILE C 83 30.03 6.52 -49.44
CA ILE C 83 30.40 6.15 -48.12
C ILE C 83 30.29 7.48 -47.36
N ALA C 84 30.09 7.51 -46.03
CA ALA C 84 29.77 8.68 -45.23
C ALA C 84 30.34 8.53 -43.85
N ARG C 85 30.85 9.60 -43.19
CA ARG C 85 31.75 9.44 -42.06
C ARG C 85 31.05 10.25 -41.06
N LYS C 86 30.96 9.81 -39.80
CA LYS C 86 30.55 10.80 -38.86
C LYS C 86 31.49 10.76 -37.73
N ARG C 87 31.84 11.99 -37.30
CA ARG C 87 33.18 12.48 -37.50
C ARG C 87 33.83 12.09 -36.23
N ASN C 88 33.04 11.69 -35.25
CA ASN C 88 33.31 11.95 -33.88
C ASN C 88 34.22 10.82 -33.67
N ASP C 89 33.70 9.61 -33.94
CA ASP C 89 34.21 8.43 -33.36
C ASP C 89 34.80 7.59 -34.40
N GLU C 90 34.28 7.61 -35.63
CA GLU C 90 34.95 7.22 -36.81
C GLU C 90 33.98 6.38 -37.59
N GLU C 91 32.66 6.34 -37.34
CA GLU C 91 31.89 5.47 -38.19
C GLU C 91 31.82 5.74 -39.70
N ASP C 92 31.21 4.77 -40.47
CA ASP C 92 31.03 4.82 -41.92
C ASP C 92 29.96 3.89 -42.33
N ALA C 93 29.20 4.31 -43.35
CA ALA C 93 27.98 3.69 -43.75
C ALA C 93 28.16 3.82 -45.21
N LYS C 94 27.85 2.77 -45.99
CA LYS C 94 28.41 2.72 -47.30
C LYS C 94 27.53 1.89 -48.12
N GLU C 95 27.33 2.28 -49.37
CA GLU C 95 26.38 1.62 -50.19
C GLU C 95 26.90 1.63 -51.60
N GLU C 96 25.99 1.36 -52.55
CA GLU C 96 26.35 1.06 -53.91
C GLU C 96 26.09 2.45 -54.45
N LEU C 97 26.35 2.70 -55.75
CA LEU C 97 26.12 4.00 -56.29
C LEU C 97 25.31 3.78 -57.52
N ARG E 2 19.92 28.47 37.50
CA ARG E 2 20.77 29.68 37.59
C ARG E 2 22.27 29.38 37.53
N PHE E 3 22.66 28.11 37.63
CA PHE E 3 24.09 27.80 37.50
C PHE E 3 24.55 28.37 36.14
N ILE E 4 25.83 28.30 35.85
CA ILE E 4 26.29 28.82 34.58
C ILE E 4 26.62 27.66 33.65
N CYS E 5 26.85 28.01 32.38
CA CYS E 5 27.14 27.02 31.35
C CYS E 5 28.59 27.02 30.89
N ILE E 6 29.16 25.82 30.81
CA ILE E 6 30.52 25.64 30.36
C ILE E 6 30.52 24.52 29.34
N TYR E 7 30.65 24.88 28.05
CA TYR E 7 30.71 23.89 26.98
C TYR E 7 32.19 23.59 26.63
N PRO E 8 32.52 22.32 26.34
CA PRO E 8 33.93 22.06 26.00
C PRO E 8 34.45 22.95 24.88
N ALA E 9 33.59 23.37 23.96
CA ALA E 9 34.07 24.22 22.90
C ALA E 9 34.79 25.43 23.49
N TYR E 10 34.29 25.92 24.61
CA TYR E 10 34.87 27.07 25.28
C TYR E 10 36.37 26.92 25.57
N LEU E 11 36.75 25.70 25.94
CA LEU E 11 38.13 25.38 26.33
C LEU E 11 38.88 24.57 25.29
N ASN E 12 38.49 24.67 24.04
CA ASN E 12 39.17 23.85 23.06
C ASN E 12 40.16 24.64 22.24
N ASN E 13 41.44 24.31 22.37
CA ASN E 13 42.46 25.02 21.61
C ASN E 13 42.43 24.68 20.13
N LYS E 14 41.66 23.66 19.75
CA LYS E 14 41.58 23.27 18.35
C LYS E 14 40.42 24.00 17.66
N LYS E 15 39.73 24.87 18.39
CA LYS E 15 38.62 25.60 17.79
C LYS E 15 38.94 27.08 17.60
N THR E 16 38.40 27.68 16.54
CA THR E 16 38.65 29.09 16.35
C THR E 16 37.71 29.87 17.25
N ILE E 17 37.69 31.19 17.10
CA ILE E 17 36.80 32.02 17.91
C ILE E 17 35.39 31.66 17.57
N ALA E 18 35.02 31.91 16.32
CA ALA E 18 33.69 31.62 15.81
C ALA E 18 33.25 30.19 16.06
N GLU E 19 34.19 29.29 16.29
CA GLU E 19 33.83 27.92 16.53
C GLU E 19 33.46 27.69 17.97
N GLY E 20 33.61 28.73 18.80
CA GLY E 20 33.19 28.65 20.20
C GLY E 20 34.27 28.78 21.27
N ARG E 21 35.53 29.09 20.92
CA ARG E 21 36.59 29.22 21.92
C ARG E 21 36.41 30.52 22.70
N ARG E 22 36.59 30.42 24.01
CA ARG E 22 36.40 31.57 24.88
C ARG E 22 37.67 32.04 25.59
N ILE E 23 38.72 31.25 25.53
CA ILE E 23 39.95 31.61 26.20
C ILE E 23 41.11 31.60 25.21
N PRO E 24 42.18 32.37 25.48
CA PRO E 24 43.34 32.44 24.60
C PRO E 24 43.90 31.05 24.31
N ILE E 25 44.33 30.84 23.08
CA ILE E 25 44.88 29.54 22.72
C ILE E 25 45.97 29.13 23.68
N SER E 26 46.76 30.11 24.12
CA SER E 26 47.85 29.85 25.04
C SER E 26 47.38 29.13 26.30
N LYS E 27 46.14 29.36 26.69
CA LYS E 27 45.62 28.72 27.88
C LYS E 27 44.64 27.61 27.57
N ALA E 28 44.11 27.60 26.34
CA ALA E 28 43.16 26.57 25.92
C ALA E 28 43.78 25.17 26.05
N VAL E 29 42.98 24.15 25.74
CA VAL E 29 43.42 22.78 25.87
C VAL E 29 43.09 21.94 24.66
N GLU E 30 43.84 20.85 24.50
CA GLU E 30 43.68 19.89 23.41
C GLU E 30 42.22 19.62 23.22
N ASN E 31 41.69 18.54 23.76
CA ASN E 31 40.27 18.29 23.56
C ASN E 31 39.61 18.00 24.87
N PRO E 32 39.26 19.06 25.61
CA PRO E 32 38.60 18.93 26.92
C PRO E 32 37.27 18.27 26.76
N THR E 33 36.94 17.39 27.69
CA THR E 33 35.66 16.70 27.65
C THR E 33 34.82 17.20 28.82
N ALA E 34 33.55 17.47 28.57
CA ALA E 34 32.69 17.94 29.65
C ALA E 34 32.97 17.17 30.93
N THR E 35 33.23 15.86 30.81
CA THR E 35 33.51 15.06 32.00
C THR E 35 34.70 15.64 32.77
N GLU E 36 35.85 15.73 32.10
CA GLU E 36 37.06 16.26 32.70
C GLU E 36 36.78 17.64 33.32
N ILE E 37 36.03 18.48 32.62
CA ILE E 37 35.71 19.79 33.14
C ILE E 37 35.00 19.65 34.49
N GLN E 38 34.01 18.78 34.55
CA GLN E 38 33.29 18.59 35.80
C GLN E 38 34.22 18.00 36.85
N ASP E 39 35.01 17.01 36.46
CA ASP E 39 35.91 16.38 37.43
C ASP E 39 36.91 17.32 38.09
N VAL E 40 37.32 18.39 37.40
CA VAL E 40 38.28 19.30 38.01
C VAL E 40 37.56 20.39 38.81
N CYS E 41 36.33 20.72 38.41
CA CYS E 41 35.58 21.73 39.11
C CYS E 41 35.04 21.21 40.42
N SER E 42 34.55 19.98 40.40
CA SER E 42 33.99 19.40 41.60
C SER E 42 35.09 19.22 42.64
N ALA E 43 36.32 19.11 42.16
CA ALA E 43 37.46 18.89 43.03
C ALA E 43 38.17 20.16 43.41
N VAL E 44 37.42 21.19 43.76
CA VAL E 44 38.00 22.46 44.14
C VAL E 44 37.02 23.07 45.12
N GLY E 45 35.86 22.43 45.23
CA GLY E 45 34.83 22.89 46.14
C GLY E 45 33.70 23.58 45.41
N LEU E 46 33.68 23.45 44.09
CA LEU E 46 32.64 24.07 43.29
C LEU E 46 31.42 23.17 43.21
N ASN E 47 30.24 23.77 43.28
CA ASN E 47 29.01 23.00 43.16
C ASN E 47 28.72 22.89 41.68
N VAL E 48 28.68 21.67 41.16
CA VAL E 48 28.46 21.50 39.74
C VAL E 48 27.86 20.15 39.35
N PHE E 49 27.07 20.15 38.28
CA PHE E 49 26.49 18.93 37.75
C PHE E 49 26.67 18.84 36.24
N LEU E 50 26.87 17.61 35.76
CA LEU E 50 27.10 17.33 34.35
C LEU E 50 25.87 17.03 33.49
N GLU E 51 25.67 17.83 32.46
CA GLU E 51 24.54 17.59 31.59
C GLU E 51 24.99 16.77 30.37
N LYS E 52 25.36 15.53 30.64
CA LYS E 52 25.87 14.52 29.71
C LYS E 52 25.40 14.62 28.24
N ASN E 53 24.11 14.83 27.98
CA ASN E 53 23.65 14.78 26.58
C ASN E 53 23.43 16.10 25.89
N LYS E 54 23.49 17.19 26.61
CA LYS E 54 23.30 18.45 25.91
C LYS E 54 24.40 18.60 24.85
N MET E 55 24.14 19.36 23.77
CA MET E 55 25.12 19.58 22.69
C MET E 55 25.27 21.06 22.33
N TYR E 56 26.50 21.52 22.18
CA TYR E 56 26.77 22.93 21.86
C TYR E 56 26.34 23.26 20.44
N SER E 57 25.53 24.29 20.28
CA SER E 57 24.99 24.63 18.96
C SER E 57 26.01 24.79 17.84
N ARG E 58 27.21 25.28 18.16
CA ARG E 58 28.24 25.47 17.16
C ARG E 58 29.13 24.24 17.09
N GLU E 59 28.58 23.07 17.25
CA GLU E 59 29.37 21.86 17.24
C GLU E 59 28.81 20.91 16.19
N TRP E 60 29.36 20.97 14.98
CA TRP E 60 28.89 20.13 13.87
C TRP E 60 28.98 18.65 14.14
N ASN E 61 30.01 18.24 14.88
CA ASN E 61 30.22 16.83 15.22
C ASN E 61 29.14 16.31 16.17
N ARG E 62 28.92 14.99 16.20
CA ARG E 62 27.88 14.44 17.07
C ARG E 62 28.38 13.34 18.01
N ASP E 63 29.65 13.01 17.86
CA ASP E 63 30.35 11.99 18.66
C ASP E 63 30.13 12.27 20.15
N VAL E 64 30.75 11.47 21.03
CA VAL E 64 30.60 11.67 22.47
C VAL E 64 31.70 12.58 23.03
N GLN E 65 32.96 12.20 22.82
CA GLN E 65 34.08 13.00 23.29
C GLN E 65 33.86 14.48 23.00
N TYR E 66 32.98 14.74 22.04
CA TYR E 66 32.69 16.11 21.61
C TYR E 66 31.40 16.71 22.21
N ARG E 67 30.64 15.97 23.01
CA ARG E 67 29.39 16.58 23.56
C ARG E 67 29.18 16.47 25.05
N GLY E 68 28.16 17.20 25.51
CA GLY E 68 27.84 17.26 26.93
C GLY E 68 27.98 18.71 27.40
N ARG E 69 27.50 19.01 28.59
CA ARG E 69 27.58 20.39 29.12
C ARG E 69 27.82 20.32 30.62
N VAL E 70 28.44 21.36 31.19
CA VAL E 70 28.72 21.33 32.62
C VAL E 70 28.18 22.59 33.28
N ARG E 71 27.51 22.39 34.42
CA ARG E 71 26.88 23.50 35.15
C ARG E 71 27.43 23.75 36.56
N VAL E 72 27.94 24.96 36.78
CA VAL E 72 28.50 25.30 38.08
C VAL E 72 27.83 26.50 38.74
N GLN E 73 27.64 26.37 40.05
CA GLN E 73 27.04 27.41 40.88
C GLN E 73 28.11 28.40 41.30
N LEU E 74 27.92 29.67 40.93
CA LEU E 74 28.87 30.69 41.33
C LEU E 74 28.37 31.32 42.61
N LYS E 75 27.35 32.16 42.49
CA LYS E 75 26.80 32.84 43.65
C LYS E 75 25.86 31.90 44.42
N GLN E 76 25.45 32.35 45.59
CA GLN E 76 24.51 31.61 46.39
C GLN E 76 23.23 32.43 46.43
N GLU E 77 22.09 31.77 46.57
CA GLU E 77 20.81 32.46 46.57
C GLU E 77 20.83 33.84 47.22
N ASP E 78 21.63 33.99 48.29
CA ASP E 78 21.70 35.28 48.93
C ASP E 78 22.48 36.28 48.08
N GLY E 79 23.55 35.80 47.44
CA GLY E 79 24.35 36.67 46.60
C GLY E 79 25.86 36.46 46.67
N SER E 80 26.33 35.99 47.82
CA SER E 80 27.76 35.75 48.06
C SER E 80 28.30 34.72 47.08
N LEU E 81 29.51 34.95 46.57
CA LEU E 81 30.12 34.02 45.66
C LEU E 81 30.38 32.75 46.45
N CYS E 82 30.30 31.60 45.80
CA CYS E 82 30.54 30.34 46.50
C CYS E 82 32.02 30.22 46.87
N LEU E 83 32.89 30.66 45.97
CA LEU E 83 34.32 30.61 46.20
C LEU E 83 34.97 31.90 45.70
N VAL E 84 35.38 32.74 46.64
CA VAL E 84 36.00 34.05 46.39
C VAL E 84 36.92 34.09 45.16
N GLN E 85 37.64 33.02 44.93
CA GLN E 85 38.58 32.92 43.83
C GLN E 85 37.90 32.70 42.47
N PHE E 86 36.57 32.64 42.48
CA PHE E 86 35.83 32.40 41.27
C PHE E 86 34.70 33.39 41.07
N PRO E 87 35.03 34.60 40.65
CA PRO E 87 34.04 35.65 40.40
C PRO E 87 33.22 35.27 39.19
N SER E 88 33.81 35.57 38.04
CA SER E 88 33.26 35.36 36.71
C SER E 88 33.18 33.91 36.24
N ARG E 89 32.79 33.76 34.97
CA ARG E 89 32.78 32.44 34.35
C ARG E 89 34.18 32.24 33.78
N LYS E 90 34.70 33.29 33.18
CA LYS E 90 36.06 33.27 32.64
C LYS E 90 36.98 32.62 33.67
N SER E 91 36.78 33.01 34.93
CA SER E 91 37.57 32.49 36.03
C SER E 91 37.56 30.97 36.06
N VAL E 92 36.38 30.38 35.91
CA VAL E 92 36.27 28.93 35.93
C VAL E 92 36.85 28.32 34.68
N MET E 93 36.48 28.88 33.54
CA MET E 93 36.97 28.34 32.29
C MET E 93 38.48 28.18 32.43
N LEU E 94 39.18 29.30 32.67
CA LEU E 94 40.63 29.30 32.83
C LEU E 94 41.13 28.29 33.86
N TYR E 95 40.52 28.28 35.04
CA TYR E 95 40.95 27.36 36.06
C TYR E 95 40.89 25.94 35.53
N ALA E 96 39.89 25.67 34.68
CA ALA E 96 39.71 24.35 34.14
C ALA E 96 40.75 24.06 33.08
N ALA E 97 40.91 25.02 32.18
CA ALA E 97 41.88 24.88 31.11
C ALA E 97 43.25 24.54 31.67
N GLU E 98 43.54 25.05 32.86
CA GLU E 98 44.83 24.80 33.46
C GLU E 98 44.99 23.46 34.18
N MET E 99 43.91 22.99 34.80
CA MET E 99 43.98 21.76 35.58
C MET E 99 43.77 20.46 34.83
N ILE E 100 43.13 20.52 33.67
CA ILE E 100 42.89 19.29 32.94
C ILE E 100 44.16 18.60 32.43
N PRO E 101 45.10 19.37 31.87
CA PRO E 101 46.33 18.73 31.39
C PRO E 101 47.12 18.10 32.53
N LYS E 102 46.51 18.01 33.70
CA LYS E 102 47.18 17.42 34.86
C LYS E 102 46.46 16.17 35.29
N LEU E 103 45.19 16.07 34.94
CA LEU E 103 44.42 14.87 35.26
C LEU E 103 45.21 13.62 34.89
N LYS E 104 45.40 12.73 35.85
CA LYS E 104 46.14 11.49 35.62
C LYS E 104 45.74 10.88 34.30
N THR E 105 44.44 10.84 34.04
CA THR E 105 43.92 10.26 32.82
C THR E 105 44.52 10.88 31.55
N ARG E 106 45.22 12.01 31.69
CA ARG E 106 45.83 12.67 30.54
C ARG E 106 47.35 12.58 30.54
N THR E 107 47.93 12.49 31.72
CA THR E 107 49.38 12.38 31.85
C THR E 107 49.79 10.94 31.53
N GLN E 108 48.82 10.03 31.71
CA GLN E 108 48.98 8.60 31.45
C GLN E 108 50.11 8.21 30.52
N LEU F 1 6.03 -7.00 -7.70
CA LEU F 1 6.99 -5.98 -7.30
C LEU F 1 6.55 -5.22 -6.03
N GLY F 2 5.33 -4.68 -6.07
CA GLY F 2 4.80 -3.92 -4.96
C GLY F 2 4.80 -4.65 -3.65
N PHE F 3 4.70 -5.97 -3.70
CA PHE F 3 4.70 -6.74 -2.47
C PHE F 3 6.07 -6.71 -1.75
N PRO F 4 7.09 -7.40 -2.31
CA PRO F 4 8.43 -7.44 -1.69
C PRO F 4 8.98 -6.04 -1.44
N ILE F 5 9.12 -5.25 -2.50
CA ILE F 5 9.65 -3.90 -2.37
C ILE F 5 9.01 -3.17 -1.22
N ASN F 6 7.69 -3.25 -1.11
CA ASN F 6 6.98 -2.60 -0.03
C ASN F 6 7.11 -3.33 1.27
N PHE F 7 7.15 -4.66 1.21
CA PHE F 7 7.29 -5.45 2.42
C PHE F 7 8.71 -5.46 3.02
N LEU F 8 9.73 -5.38 2.17
CA LEU F 8 11.11 -5.32 2.62
C LEU F 8 11.33 -3.94 3.23
N THR F 9 10.79 -2.92 2.56
CA THR F 9 10.88 -1.56 3.02
C THR F 9 10.27 -1.51 4.42
N LEU F 10 9.15 -2.19 4.57
CA LEU F 10 8.43 -2.25 5.83
C LEU F 10 9.23 -3.03 6.90
N TYR F 11 9.62 -4.26 6.56
CA TYR F 11 10.38 -5.11 7.47
C TYR F 11 11.70 -4.46 7.90
N VAL F 12 12.29 -3.66 7.03
CA VAL F 12 13.54 -3.04 7.40
C VAL F 12 13.33 -1.98 8.48
N THR F 13 12.39 -1.03 8.26
CA THR F 13 12.14 0.06 9.22
C THR F 13 11.84 -0.38 10.67
N VAL F 14 11.08 -1.47 10.81
CA VAL F 14 10.69 -2.02 12.11
C VAL F 14 11.89 -2.62 12.87
N GLN F 15 12.66 -3.43 12.16
CA GLN F 15 13.84 -4.11 12.69
C GLN F 15 14.95 -3.18 13.14
N HIS F 16 15.15 -2.10 12.40
CA HIS F 16 16.18 -1.13 12.72
C HIS F 16 15.61 -0.05 13.64
N LYS F 17 15.80 -0.29 14.94
CA LYS F 17 15.29 0.56 16.02
C LYS F 17 15.56 2.06 16.05
N ARG G 8 -12.80 -5.82 17.34
CA ARG G 8 -11.57 -6.11 16.70
C ARG G 8 -11.33 -7.55 16.98
N LYS G 9 -11.10 -7.97 18.22
CA LYS G 9 -10.79 -9.34 18.44
C LYS G 9 -12.05 -10.18 18.39
N ILE G 10 -12.54 -10.47 17.16
CA ILE G 10 -13.77 -11.09 16.75
C ILE G 10 -13.52 -11.20 15.30
N THR G 11 -12.86 -10.17 14.74
CA THR G 11 -12.27 -10.14 13.46
C THR G 11 -11.23 -11.23 13.28
N SER G 12 -11.00 -11.97 14.36
CA SER G 12 -10.12 -13.07 14.48
C SER G 12 -10.96 -14.28 14.39
N ALA G 13 -12.18 -14.30 14.97
CA ALA G 13 -13.19 -15.33 14.80
C ALA G 13 -13.24 -15.69 13.35
N LEU G 14 -13.00 -14.73 12.46
CA LEU G 14 -12.75 -14.89 11.08
C LEU G 14 -11.83 -15.99 10.75
N ARG G 15 -10.53 -15.85 10.99
CA ARG G 15 -9.65 -16.91 10.67
C ARG G 15 -9.84 -17.90 11.74
N SER G 16 -10.15 -17.61 13.00
CA SER G 16 -10.38 -18.61 14.02
C SER G 16 -11.42 -19.62 13.57
N LEU G 17 -14.37 -19.80 12.50
CA LEU G 17 -12.96 -19.39 12.24
C LEU G 17 -12.49 -20.34 11.13
N SER G 18 -11.60 -20.00 10.28
CA SER G 18 -11.13 -20.88 9.17
C SER G 18 -10.04 -21.80 9.72
N ASN G 19 -10.24 -23.07 9.53
CA ASN G 19 -9.30 -24.09 9.99
C ASN G 19 -9.76 -25.37 9.26
N ALA G 20 -10.04 -26.35 10.11
CA ALA G 20 -10.51 -27.66 9.54
C ALA G 20 -11.96 -27.53 9.14
N THR G 21 -12.52 -28.39 8.42
CA THR G 21 -13.97 -28.43 8.14
C THR G 21 -14.55 -29.72 8.70
N ILE G 22 -14.02 -30.21 9.82
CA ILE G 22 -14.51 -31.43 10.44
C ILE G 22 -15.67 -31.15 11.37
N ILE G 23 -15.95 -29.92 11.61
CA ILE G 23 -17.06 -29.41 12.43
C ILE G 23 -17.58 -28.13 11.81
N ASN G 24 -18.85 -27.72 12.26
CA ASN G 24 -19.50 -26.63 11.56
C ASN G 24 -20.65 -25.79 12.10
N GLU G 25 -21.86 -26.29 12.27
CA GLU G 25 -23.01 -25.51 12.52
C GLU G 25 -22.78 -24.92 13.85
N GLU G 26 -22.29 -25.74 14.77
CA GLU G 26 -21.98 -25.33 16.08
C GLU G 26 -21.04 -24.19 15.94
N VAL G 27 -19.94 -24.42 15.15
CA VAL G 27 -18.85 -23.52 14.84
C VAL G 27 -19.55 -22.21 14.58
N LEU G 28 -20.63 -22.26 13.76
CA LEU G 28 -21.39 -21.16 13.31
C LEU G 28 -21.97 -20.53 14.50
N ASN G 29 -23.10 -21.02 15.03
CA ASN G 29 -23.88 -20.40 16.07
C ASN G 29 -23.03 -19.83 17.14
N ALA G 30 -22.00 -20.53 17.61
CA ALA G 30 -21.03 -20.00 18.52
C ALA G 30 -20.55 -18.75 17.96
N MET G 31 -19.69 -18.77 16.94
CA MET G 31 -19.23 -17.65 16.18
C MET G 31 -20.27 -16.61 16.11
N LEU G 32 -21.51 -16.93 15.70
CA LEU G 32 -22.63 -16.05 15.73
C LEU G 32 -22.64 -15.45 17.07
N LYS G 33 -23.16 -16.11 18.10
CA LYS G 33 -23.14 -15.64 19.45
C LYS G 33 -21.86 -14.97 19.83
N GLU G 34 -20.69 -15.52 19.58
CA GLU G 34 -19.40 -15.00 19.83
C GLU G 34 -19.32 -13.63 19.26
N VAL G 35 -19.39 -13.45 17.93
CA VAL G 35 -19.44 -12.21 17.22
C VAL G 35 -20.46 -11.44 17.96
N CYS G 36 -21.69 -11.95 18.01
CA CYS G 36 -22.88 -11.36 18.54
C CYS G 36 -22.61 -10.78 19.89
N THR G 37 -21.74 -11.39 20.71
CA THR G 37 -21.38 -11.04 22.03
C THR G 37 -20.62 -9.79 21.88
N ALA G 38 -19.41 -9.85 21.29
CA ALA G 38 -18.47 -8.78 21.19
C ALA G 38 -18.96 -7.43 20.75
N LEU G 39 -20.17 -7.41 20.21
CA LEU G 39 -20.88 -6.27 19.76
C LEU G 39 -21.49 -5.44 20.87
N LEU G 40 -22.72 -5.86 21.29
CA LEU G 40 -23.94 -5.18 22.08
C LEU G 40 -23.61 -6.14 22.73
N GLU G 41 -24.43 -7.21 21.76
CA GLU G 41 -25.88 -8.03 21.32
C GLU G 41 -27.45 -7.61 21.42
N ALA G 42 -28.48 -8.35 20.83
CA ALA G 42 -29.93 -8.11 20.87
C ALA G 42 -30.53 -7.91 22.04
N ASP G 43 -31.24 -6.75 22.10
CA ASP G 43 -32.09 -6.50 23.22
C ASP G 43 -31.25 -5.72 24.22
N VAL G 44 -29.91 -5.54 24.03
CA VAL G 44 -29.12 -4.91 25.06
C VAL G 44 -29.21 -3.40 24.93
N ASN G 45 -28.81 -2.80 23.78
CA ASN G 45 -28.82 -1.36 23.67
C ASN G 45 -30.02 -0.91 22.86
N ILE G 46 -30.71 -1.88 22.23
CA ILE G 46 -31.78 -1.75 21.27
C ILE G 46 -31.81 -3.28 21.09
N LYS G 47 -32.08 -4.03 20.03
CA LYS G 47 -33.39 -4.49 19.81
C LYS G 47 -33.14 -5.11 18.48
N LEU G 48 -32.38 -4.34 17.70
CA LEU G 48 -32.00 -4.53 16.36
C LEU G 48 -31.56 -5.92 16.15
N VAL G 49 -30.26 -6.18 16.31
CA VAL G 49 -29.55 -7.44 16.36
C VAL G 49 -30.39 -8.69 16.19
N LYS G 50 -31.41 -9.03 17.03
CA LYS G 50 -32.42 -10.04 16.89
C LYS G 50 -32.70 -10.12 15.45
N GLN G 51 -33.08 -9.01 14.83
CA GLN G 51 -33.24 -8.82 13.42
C GLN G 51 -32.08 -9.34 12.64
N LEU G 52 -30.85 -8.81 12.79
CA LEU G 52 -29.72 -9.31 12.07
C LEU G 52 -29.54 -10.76 12.26
N ARG G 53 -29.24 -11.18 13.49
CA ARG G 53 -29.08 -12.53 13.91
C ARG G 53 -30.24 -13.36 13.49
N GLU G 54 -31.39 -12.77 13.20
CA GLU G 54 -32.48 -13.39 12.56
C GLU G 54 -32.15 -13.52 11.14
N ASN G 55 -32.24 -12.47 10.31
CA ASN G 55 -32.04 -12.43 8.89
C ASN G 55 -30.98 -13.36 8.47
N VAL G 56 -29.86 -13.35 9.20
CA VAL G 56 -28.80 -14.34 9.13
C VAL G 56 -29.43 -15.72 8.93
N LYS G 57 -30.07 -16.29 9.96
CA LYS G 57 -30.75 -17.53 10.06
C LYS G 57 -31.61 -17.63 8.90
N SER G 58 -32.61 -16.73 8.75
CA SER G 58 -33.56 -16.75 7.66
C SER G 58 -32.98 -17.38 6.45
N ALA G 59 -31.94 -16.71 5.90
CA ALA G 59 -31.21 -17.13 4.75
C ALA G 59 -30.92 -18.59 4.76
N ILE G 60 -30.04 -19.12 5.65
CA ILE G 60 -29.68 -20.51 5.82
C ILE G 60 -30.73 -21.45 5.32
N ASP G 61 -31.91 -21.47 5.98
CA ASP G 61 -33.00 -22.35 5.71
C ASP G 61 -33.76 -21.87 4.48
N LEU G 62 -33.04 -21.47 3.42
CA LEU G 62 -33.53 -20.92 2.19
C LEU G 62 -32.34 -20.86 1.25
N GLU G 63 -31.19 -21.51 1.50
CA GLU G 63 -30.14 -21.29 0.54
C GLU G 63 -29.07 -22.29 0.76
N GLU G 64 -28.01 -22.17 -0.08
CA GLU G 64 -26.87 -23.00 -0.05
C GLU G 64 -25.89 -22.29 -0.93
N MET G 65 -24.61 -22.57 -0.70
CA MET G 65 -23.56 -22.00 -1.46
C MET G 65 -23.65 -22.67 -2.78
N ALA G 66 -23.71 -21.89 -3.88
CA ALA G 66 -23.66 -22.44 -5.22
C ALA G 66 -22.57 -23.44 -5.15
N SER G 67 -22.79 -24.64 -5.72
CA SER G 67 -21.86 -25.73 -5.63
C SER G 67 -20.50 -25.25 -6.04
N GLY G 68 -19.49 -26.12 -5.97
CA GLY G 68 -18.19 -25.71 -6.37
C GLY G 68 -17.74 -24.61 -5.48
N LEU G 69 -17.92 -24.78 -4.14
CA LEU G 69 -17.43 -23.81 -3.21
C LEU G 69 -17.82 -24.17 -1.82
N ASN G 70 -16.84 -24.47 -0.96
CA ASN G 70 -16.99 -24.74 0.45
C ASN G 70 -17.92 -23.79 1.17
N LYS G 71 -18.89 -24.37 1.88
CA LYS G 71 -19.93 -23.65 2.56
C LYS G 71 -19.39 -22.63 3.46
N ARG G 72 -18.62 -23.05 4.49
CA ARG G 72 -17.96 -22.24 5.46
C ARG G 72 -17.70 -20.86 4.96
N LYS G 73 -17.03 -20.75 3.81
CA LYS G 73 -16.79 -19.52 3.13
C LYS G 73 -18.09 -18.80 2.92
N MET G 74 -18.94 -19.17 1.94
CA MET G 74 -20.29 -18.66 1.70
C MET G 74 -20.93 -17.97 2.85
N ILE G 75 -21.12 -18.71 3.96
CA ILE G 75 -21.58 -18.27 5.27
C ILE G 75 -21.19 -16.84 5.40
N GLN G 76 -19.90 -16.57 5.25
CA GLN G 76 -19.30 -15.30 5.24
C GLN G 76 -19.88 -14.25 4.37
N HIS G 77 -19.80 -14.40 3.04
CA HIS G 77 -20.43 -13.54 2.08
C HIS G 77 -21.71 -13.09 2.64
N ALA G 78 -22.53 -14.02 3.18
CA ALA G 78 -23.70 -13.72 3.94
C ALA G 78 -23.54 -12.96 5.22
N VAL G 79 -22.69 -13.42 6.18
CA VAL G 79 -22.30 -12.69 7.36
C VAL G 79 -22.00 -11.31 6.87
N PHE G 80 -20.90 -11.08 6.16
CA PHE G 80 -20.36 -9.87 5.65
C PHE G 80 -21.50 -9.13 5.09
N LYS G 81 -22.10 -9.97 4.43
CA LYS G 81 -23.19 -9.34 3.62
C LYS G 81 -24.20 -8.72 4.57
N GLU G 82 -24.61 -9.44 5.61
CA GLU G 82 -25.60 -8.86 6.58
C GLU G 82 -25.00 -7.69 7.34
N LEU G 83 -23.65 -7.78 7.59
CA LEU G 83 -22.98 -6.70 8.29
C LEU G 83 -23.12 -5.32 7.63
N VAL G 84 -23.10 -5.29 6.32
CA VAL G 84 -23.25 -4.03 5.57
C VAL G 84 -24.63 -3.47 5.68
N LYS G 85 -25.23 -4.80 5.67
CA LYS G 85 -26.68 -4.56 5.80
C LYS G 85 -27.08 -3.89 7.08
N LEU G 86 -26.27 -4.08 8.09
CA LEU G 86 -26.58 -3.48 9.42
C LEU G 86 -25.92 -2.16 9.71
N VAL G 87 -24.92 -1.74 8.92
CA VAL G 87 -24.25 -0.46 9.18
C VAL G 87 -23.97 0.35 7.91
N ASP G 88 -24.25 -0.10 6.67
CA ASP G 88 -24.76 0.28 5.33
C ASP G 88 -24.18 -0.63 4.28
N PRO G 89 -24.71 -0.52 3.06
CA PRO G 89 -24.32 -1.18 1.84
C PRO G 89 -24.29 0.01 0.83
N GLY G 90 -23.25 0.12 0.04
CA GLY G 90 -23.15 1.27 -0.87
C GLY G 90 -22.50 0.82 -2.16
N VAL G 91 -22.58 1.76 -3.16
CA VAL G 91 -22.03 1.40 -4.46
C VAL G 91 -20.74 2.25 -4.77
N LYS G 92 -22.44 4.53 -4.87
CA LYS G 92 -22.95 5.27 -6.02
C LYS G 92 -22.07 4.89 -7.29
N ALA G 93 -22.67 7.73 -5.93
CA ALA G 93 -22.36 9.11 -5.63
C ALA G 93 -23.43 10.03 -6.17
N TRP G 94 -23.53 11.25 -5.60
CA TRP G 94 -24.52 12.23 -6.02
C TRP G 94 -24.40 12.56 -7.51
N THR G 95 -25.54 12.90 -8.14
CA THR G 95 -25.56 13.30 -9.53
C THR G 95 -25.67 14.80 -9.55
N PRO G 96 -24.61 15.53 -10.04
CA PRO G 96 -24.70 16.96 -9.99
C PRO G 96 -25.23 17.51 -11.31
N THR G 97 -25.83 18.71 -11.24
CA THR G 97 -26.38 19.37 -12.39
C THR G 97 -25.69 20.71 -12.54
N LYS G 98 -26.22 21.60 -13.39
CA LYS G 98 -25.64 22.90 -13.59
C LYS G 98 -25.40 23.68 -12.33
N GLY G 99 -26.43 23.73 -11.49
CA GLY G 99 -26.38 24.43 -10.29
C GLY G 99 -27.00 23.48 -9.54
N ASN G 102 -25.63 23.48 -7.54
CA ASN G 102 -26.22 22.51 -6.83
C ASN G 102 -26.10 23.25 -5.55
N VAL G 103 -27.06 23.04 -4.64
CA VAL G 103 -27.00 23.64 -3.33
C VAL G 103 -27.33 22.51 -2.37
N ILE G 104 -26.38 22.15 -1.48
CA ILE G 104 -26.56 21.08 -0.55
C ILE G 104 -26.46 21.56 0.89
N MET G 105 -27.15 20.86 1.81
CA MET G 105 -27.11 21.15 3.23
C MET G 105 -26.42 20.00 3.93
N PHE G 106 -25.64 20.30 4.99
CA PHE G 106 -25.01 19.28 5.80
C PHE G 106 -25.73 19.44 7.12
N VAL G 107 -26.40 18.37 7.61
CA VAL G 107 -27.18 18.46 8.82
C VAL G 107 -26.91 17.29 9.74
N GLY G 108 -27.27 17.44 11.03
CA GLY G 108 -27.07 16.35 11.96
C GLY G 108 -26.86 16.80 13.37
N LEU G 109 -26.67 15.83 14.26
CA LEU G 109 -26.46 16.04 15.66
C LEU G 109 -25.19 16.82 15.93
N GLN G 110 -25.12 17.42 17.14
CA GLN G 110 -23.97 18.16 17.52
C GLN G 110 -22.75 17.25 17.55
N GLY G 111 -21.68 17.67 16.85
CA GLY G 111 -20.44 16.91 16.85
C GLY G 111 -20.28 15.77 15.88
N SER G 112 -21.25 15.56 14.97
CA SER G 112 -21.17 14.45 14.02
C SER G 112 -20.10 14.58 12.96
N GLY G 113 -19.67 15.82 12.66
CA GLY G 113 -18.62 16.03 11.68
C GLY G 113 -19.03 16.84 10.47
N LYS G 114 -20.09 17.63 10.59
CA LYS G 114 -20.61 18.44 9.51
C LYS G 114 -19.65 19.45 8.89
N THR G 115 -19.04 20.33 9.70
CA THR G 115 -18.18 21.36 9.23
C THR G 115 -16.99 20.76 8.51
N THR G 116 -16.38 19.71 9.05
CA THR G 116 -15.24 19.08 8.41
C THR G 116 -15.67 18.45 7.09
N THR G 117 -16.83 17.77 7.09
CA THR G 117 -17.34 17.13 5.90
C THR G 117 -17.61 18.14 4.79
N CYS G 118 -18.08 19.35 5.14
CA CYS G 118 -18.32 20.34 4.13
C CYS G 118 -17.06 20.71 3.42
N SER G 119 -15.96 20.89 4.17
CA SER G 119 -14.67 21.20 3.61
C SER G 119 -14.16 20.04 2.77
N LYS G 120 -14.38 18.81 3.22
CA LYS G 120 -13.97 17.64 2.48
C LYS G 120 -14.69 17.59 1.15
N LEU G 121 -16.01 17.84 1.15
CA LEU G 121 -16.78 17.83 -0.06
C LEU G 121 -16.28 18.89 -1.02
N ALA G 122 -15.98 20.08 -0.49
CA ALA G 122 -15.50 21.16 -1.31
C ALA G 122 -14.20 20.81 -2.02
N TYR G 123 -13.26 20.18 -1.29
CA TYR G 123 -12.01 19.77 -1.88
C TYR G 123 -12.22 18.67 -2.90
N TYR G 124 -13.04 17.68 -2.56
CA TYR G 124 -13.33 16.56 -3.44
C TYR G 124 -13.86 17.03 -4.78
N TYR G 125 -14.87 17.91 -4.76
CA TYR G 125 -15.47 18.38 -5.99
C TYR G 125 -14.65 19.42 -6.73
N GLN G 126 -13.86 20.23 -6.01
CA GLN G 126 -13.02 21.21 -6.67
C GLN G 126 -12.06 20.47 -7.55
N ARG G 127 -11.58 19.36 -7.06
CA ARG G 127 -10.69 18.57 -7.86
C ARG G 127 -11.40 18.04 -9.09
N LYS G 128 -12.73 17.88 -9.01
CA LYS G 128 -13.51 17.40 -10.12
C LYS G 128 -13.80 18.52 -11.11
N GLY G 129 -13.38 19.75 -10.78
CA GLY G 129 -13.55 20.87 -11.67
C GLY G 129 -14.73 21.77 -11.38
N TRP G 130 -15.40 21.58 -10.24
CA TRP G 130 -16.57 22.37 -9.89
C TRP G 130 -16.22 23.65 -9.17
N LYS G 131 -17.11 24.65 -9.28
CA LYS G 131 -16.97 25.91 -8.58
C LYS G 131 -17.68 25.65 -7.21
N THR G 132 -16.94 25.28 -5.96
CA THR G 132 -17.64 25.29 -4.68
C THR G 132 -17.62 26.58 -3.87
N CYS G 133 -18.68 26.76 -3.06
CA CYS G 133 -18.83 27.86 -2.16
C CYS G 133 -19.28 27.27 -0.86
N LEU G 134 -18.50 27.51 0.22
CA LEU G 134 -18.84 27.01 1.52
C LEU G 134 -19.63 28.08 2.22
N ILE G 135 -20.70 27.69 2.93
CA ILE G 135 -21.53 28.64 3.64
C ILE G 135 -21.57 28.27 5.10
N CYS G 136 -20.94 29.10 5.95
CA CYS G 136 -20.91 28.86 7.36
C CYS G 136 -22.18 29.45 7.95
N ALA G 137 -23.23 28.68 8.24
CA ALA G 137 -24.48 29.16 8.83
C ALA G 137 -24.75 28.55 10.19
N ASP G 138 -23.68 28.22 10.93
CA ASP G 138 -23.79 27.69 12.26
C ASP G 138 -23.50 28.86 13.17
N THR G 139 -24.51 29.69 13.43
CA THR G 139 -24.37 30.90 14.21
C THR G 139 -24.29 30.74 15.71
N PHE G 140 -25.00 29.74 16.24
CA PHE G 140 -25.02 29.50 17.65
C PHE G 140 -23.60 29.46 18.16
N ARG G 141 -22.76 28.60 17.55
CA ARG G 141 -21.37 28.51 17.91
C ARG G 141 -20.67 29.69 17.26
N ALA G 142 -20.15 30.63 18.06
CA ALA G 142 -19.48 31.80 17.54
C ALA G 142 -18.16 31.46 16.85
N GLY G 143 -17.41 30.51 17.43
CA GLY G 143 -16.14 30.09 16.87
C GLY G 143 -16.27 29.34 15.58
N ALA G 144 -17.43 28.98 15.25
CA ALA G 144 -17.81 28.09 14.21
C ALA G 144 -17.57 28.65 12.82
N PHE G 145 -17.75 29.96 12.64
CA PHE G 145 -17.53 30.57 11.36
C PHE G 145 -16.06 30.63 11.06
N ASP G 146 -15.23 30.93 12.05
CA ASP G 146 -13.80 30.99 11.89
C ASP G 146 -13.31 29.61 11.50
N GLN G 147 -13.89 28.57 12.10
CA GLN G 147 -13.52 27.21 11.81
C GLN G 147 -13.65 26.90 10.34
N LEU G 148 -14.82 27.15 9.74
CA LEU G 148 -15.01 26.84 8.34
C LEU G 148 -14.20 27.79 7.47
N LYS G 149 -14.01 29.03 7.93
CA LYS G 149 -13.22 29.99 7.21
C LYS G 149 -11.82 29.46 7.02
N GLN G 150 -11.24 28.93 8.11
CA GLN G 150 -9.90 28.38 8.07
C GLN G 150 -9.80 27.17 7.17
N ASN G 151 -10.80 26.27 7.23
CA ASN G 151 -10.82 25.12 6.39
C ASN G 151 -10.90 25.51 4.94
N ALA G 152 -11.73 26.53 4.66
CA ALA G 152 -11.87 27.04 3.32
C ALA G 152 -10.54 27.47 2.77
N THR G 153 -9.75 28.19 3.58
CA THR G 153 -8.44 28.66 3.18
C THR G 153 -7.54 27.47 2.86
N LYS G 154 -7.59 26.43 3.70
CA LYS G 154 -6.79 25.26 3.52
C LYS G 154 -7.10 24.53 2.22
N ALA G 155 -8.39 24.42 1.87
CA ALA G 155 -8.76 23.72 0.65
C ALA G 155 -8.91 24.67 -0.55
N ARG G 156 -8.82 26.07 -0.32
CA ARG G 156 -8.99 27.15 -1.30
C ARG G 156 -10.39 27.25 -1.87
N ILE G 157 -11.39 27.00 -1.01
CA ILE G 157 -12.78 27.07 -1.38
C ILE G 157 -13.36 28.27 -0.66
N PRO G 158 -13.86 29.28 -1.36
CA PRO G 158 -14.46 30.41 -0.69
C PRO G 158 -15.61 30.16 0.23
N PHE G 159 -15.57 31.09 1.26
CA PHE G 159 -16.43 30.88 2.40
C PHE G 159 -17.27 32.10 2.71
N TYR G 160 -18.60 31.93 2.75
CA TYR G 160 -19.49 33.00 3.08
C TYR G 160 -19.95 32.75 4.50
N GLY G 161 -19.76 33.74 5.39
CA GLY G 161 -20.16 33.57 6.79
C GLY G 161 -21.55 34.27 6.92
N SER G 162 -22.77 33.46 6.32
CA SER G 162 -24.21 33.92 6.20
C SER G 162 -24.75 34.25 7.59
N TYR G 163 -24.17 35.30 8.21
CA TYR G 163 -24.47 35.64 9.60
C TYR G 163 -25.54 36.70 9.76
N THR G 164 -26.20 37.06 8.65
CA THR G 164 -27.44 37.79 8.72
C THR G 164 -28.54 36.77 8.81
N GLU G 165 -28.82 36.33 10.05
CA GLU G 165 -29.79 35.31 10.32
C GLU G 165 -31.17 35.90 10.60
N MET G 166 -31.34 37.24 10.50
CA MET G 166 -32.62 37.86 10.82
C MET G 166 -33.79 37.38 9.96
N ASP G 167 -33.48 37.00 8.70
CA ASP G 167 -34.42 36.32 7.81
C ASP G 167 -33.47 35.39 6.97
N PRO G 168 -33.32 33.98 6.81
CA PRO G 168 -33.04 33.07 5.67
C PRO G 168 -33.05 33.76 4.35
N VAL G 169 -33.97 34.71 4.19
CA VAL G 169 -34.09 35.50 2.99
C VAL G 169 -32.83 36.29 2.72
N ILE G 170 -32.21 36.84 3.77
CA ILE G 170 -30.99 37.62 3.61
C ILE G 170 -29.87 36.68 3.19
N ILE G 171 -29.79 35.50 3.83
CA ILE G 171 -28.79 34.51 3.51
C ILE G 171 -28.89 34.15 2.03
N ALA G 172 -30.13 33.89 1.58
CA ALA G 172 -30.37 33.55 0.19
C ALA G 172 -29.85 34.64 -0.71
N SER G 173 -30.14 35.91 -0.35
CA SER G 173 -29.72 37.06 -1.13
C SER G 173 -28.21 37.11 -1.30
N GLU G 174 -27.47 37.01 -0.21
CA GLU G 174 -26.04 37.09 -0.30
C GLU G 174 -25.40 35.87 -0.95
N GLY G 175 -25.96 34.68 -0.72
CA GLY G 175 -25.45 33.48 -1.36
C GLY G 175 -25.63 33.59 -2.86
N VAL G 176 -26.80 34.08 -3.31
CA VAL G 176 -27.07 34.25 -4.72
C VAL G 176 -26.09 35.20 -5.36
N GLU G 177 -25.84 36.34 -4.71
CA GLU G 177 -24.95 37.35 -5.22
C GLU G 177 -23.53 36.84 -5.34
N LYS G 178 -23.03 36.14 -4.30
CA LYS G 178 -21.69 35.63 -4.30
C LYS G 178 -21.50 34.53 -5.33
N PHE G 179 -22.48 33.63 -5.45
CA PHE G 179 -22.40 32.56 -6.41
C PHE G 179 -22.35 33.08 -7.81
N LYS G 180 -23.10 34.15 -8.08
CA LYS G 180 -23.11 34.74 -9.40
C LYS G 180 -21.81 35.46 -9.72
N ASN G 181 -21.34 36.33 -8.82
CA ASN G 181 -20.12 37.08 -9.06
C ASN G 181 -18.87 36.22 -9.11
N GLU G 182 -18.87 35.06 -8.44
CA GLU G 182 -17.72 34.18 -8.41
C GLU G 182 -17.92 32.89 -9.17
N ASN G 183 -18.99 32.81 -9.97
CA ASN G 183 -19.29 31.64 -10.78
C ASN G 183 -19.25 30.34 -10.00
N PHE G 184 -19.86 30.30 -8.81
CA PHE G 184 -19.94 29.11 -8.01
C PHE G 184 -21.01 28.19 -8.53
N GLU G 185 -20.78 26.87 -8.57
CA GLU G 185 -21.76 25.93 -9.06
C GLU G 185 -22.07 24.79 -8.09
N ILE G 186 -21.52 24.83 -6.86
CA ILE G 186 -21.78 23.84 -5.84
C ILE G 186 -21.72 24.56 -4.52
N ILE G 187 -22.89 24.85 -3.94
CA ILE G 187 -22.97 25.56 -2.69
C ILE G 187 -23.19 24.57 -1.57
N ILE G 188 -22.29 24.55 -0.57
CA ILE G 188 -22.36 23.64 0.55
C ILE G 188 -22.68 24.41 1.81
N VAL G 189 -23.90 24.20 2.34
CA VAL G 189 -24.36 24.90 3.52
C VAL G 189 -24.17 24.05 4.77
N ASP G 190 -23.20 24.49 5.61
CA ASP G 190 -22.85 23.86 6.85
C ASP G 190 -23.76 24.40 7.94
N THR G 191 -24.67 23.57 8.49
CA THR G 191 -25.58 24.02 9.51
C THR G 191 -25.09 23.61 10.90
N SER G 192 -25.58 24.30 11.94
CA SER G 192 -25.19 24.01 13.29
C SER G 192 -25.75 22.67 13.72
N GLY G 193 -25.07 22.01 14.68
CA GLY G 193 -25.57 20.75 15.17
C GLY G 193 -26.79 21.01 15.98
N ARG G 194 -27.77 20.07 15.97
CA ARG G 194 -28.96 20.26 16.74
C ARG G 194 -29.54 18.92 17.09
N HIS G 195 -30.27 18.84 18.22
CA HIS G 195 -30.90 17.61 18.63
C HIS G 195 -32.07 17.41 17.76
N LYS G 196 -32.42 16.17 17.37
CA LYS G 196 -33.51 15.82 16.52
C LYS G 196 -34.89 16.20 17.12
N GLN G 197 -34.91 16.53 18.41
CA GLN G 197 -36.11 16.82 19.14
C GLN G 197 -36.06 18.26 19.46
N GLU G 198 -35.21 19.11 19.10
CA GLU G 198 -35.24 20.53 19.42
C GLU G 198 -36.18 21.23 18.46
N ASP G 199 -37.43 21.43 18.86
CA ASP G 199 -38.44 22.03 18.01
C ASP G 199 -38.07 23.35 17.36
N SER G 200 -37.57 24.34 18.12
CA SER G 200 -37.22 25.61 17.57
C SER G 200 -36.16 25.50 16.47
N LEU G 201 -35.07 24.77 16.75
CA LEU G 201 -33.99 24.61 15.82
C LEU G 201 -34.32 23.72 14.63
N PHE G 202 -35.14 22.69 14.84
CA PHE G 202 -35.52 21.85 13.71
C PHE G 202 -36.45 22.64 12.83
N GLU G 203 -37.23 23.54 13.43
CA GLU G 203 -38.12 24.38 12.68
C GLU G 203 -37.32 25.38 11.88
N GLU G 204 -36.19 25.86 12.44
CA GLU G 204 -35.36 26.81 11.75
C GLU G 204 -34.73 26.15 10.55
N MET G 205 -34.35 24.87 10.68
CA MET G 205 -33.73 24.13 9.61
C MET G 205 -34.71 23.93 8.48
N LEU G 206 -35.98 23.64 8.81
CA LEU G 206 -37.00 23.44 7.82
C LEU G 206 -37.25 24.72 7.04
N GLN G 207 -37.26 25.85 7.76
CA GLN G 207 -37.45 27.12 7.22
C GLN G 207 -36.32 27.51 6.23
N VAL G 208 -35.10 27.23 6.65
CA VAL G 208 -33.95 27.53 5.84
C VAL G 208 -34.05 26.75 4.55
N ALA G 209 -34.53 25.50 4.64
CA ALA G 209 -34.67 24.64 3.50
C ALA G 209 -35.69 25.16 2.51
N ASN G 210 -36.84 25.63 3.00
CA ASN G 210 -37.84 26.13 2.10
C ASN G 210 -37.40 27.38 1.37
N ALA G 211 -36.56 28.21 2.02
CA ALA G 211 -36.03 29.43 1.43
C ALA G 211 -34.90 29.17 0.45
N ILE G 212 -33.94 28.31 0.81
CA ILE G 212 -32.80 28.04 -0.03
C ILE G 212 -33.02 27.04 -1.15
N GLN G 213 -33.89 26.17 -1.15
CA GLN G 213 -34.23 25.31 -2.26
C GLN G 213 -33.05 24.38 -2.53
N PRO G 214 -32.60 23.59 -1.56
CA PRO G 214 -31.47 22.69 -1.67
C PRO G 214 -31.85 21.40 -2.39
N ASP G 215 -30.88 20.80 -3.06
CA ASP G 215 -31.14 19.59 -3.81
C ASP G 215 -30.89 18.44 -2.93
N ASN G 216 -29.78 18.56 -2.29
CA ASN G 216 -29.42 17.44 -1.50
C ASN G 216 -29.37 17.89 -0.07
N ILE G 217 -29.83 17.03 0.86
CA ILE G 217 -29.79 17.32 2.27
C ILE G 217 -29.11 16.10 2.84
N VAL G 218 -27.86 16.26 3.27
CA VAL G 218 -27.08 15.14 3.76
C VAL G 218 -27.02 15.08 5.28
N TYR G 219 -27.44 13.93 5.84
CA TYR G 219 -27.36 13.70 7.25
C TYR G 219 -25.99 13.15 7.52
N VAL G 220 -25.20 13.89 8.32
CA VAL G 220 -23.85 13.49 8.68
C VAL G 220 -23.97 12.69 9.96
N MET G 221 -23.67 11.39 9.88
CA MET G 221 -23.80 10.49 11.00
C MET G 221 -22.47 9.92 11.45
N ASP G 222 -22.18 10.05 12.75
CA ASP G 222 -20.97 9.55 13.35
C ASP G 222 -21.05 8.04 13.38
N ALA G 223 -19.99 7.36 12.96
CA ALA G 223 -19.95 5.91 12.93
C ALA G 223 -20.15 5.29 14.29
N SER G 224 -19.83 6.01 15.38
CA SER G 224 -19.98 5.47 16.71
C SER G 224 -21.38 5.63 17.29
N ILE G 225 -22.29 6.28 16.55
CA ILE G 225 -23.64 6.49 17.01
C ILE G 225 -24.28 5.18 17.41
N GLY G 226 -25.03 5.19 18.53
CA GLY G 226 -25.66 3.98 19.02
C GLY G 226 -27.09 3.75 18.58
N GLN G 227 -27.88 3.12 19.47
CA GLN G 227 -29.27 2.76 19.21
C GLN G 227 -30.17 3.88 18.75
N ALA G 228 -29.89 5.13 19.15
CA ALA G 228 -30.72 6.25 18.76
C ALA G 228 -30.54 6.69 17.32
N CYS G 229 -29.63 6.07 16.56
CA CYS G 229 -29.42 6.44 15.18
C CYS G 229 -30.73 6.36 14.41
N GLU G 230 -31.55 5.35 14.75
CA GLU G 230 -32.83 5.14 14.12
C GLU G 230 -33.74 6.35 14.24
N ALA G 231 -33.95 6.82 15.49
CA ALA G 231 -34.82 7.95 15.75
C ALA G 231 -34.26 9.25 15.20
N GLN G 232 -32.93 9.39 15.21
CA GLN G 232 -32.29 10.58 14.69
C GLN G 232 -32.50 10.68 13.20
N ALA G 233 -32.25 9.58 12.46
CA ALA G 233 -32.41 9.59 11.03
C ALA G 233 -33.85 9.86 10.63
N LYS G 234 -34.80 9.21 11.32
CA LYS G 234 -36.19 9.41 11.04
C LYS G 234 -36.69 10.82 11.25
N ALA G 235 -36.24 11.45 12.34
CA ALA G 235 -36.67 12.78 12.67
C ALA G 235 -36.13 13.78 11.67
N PHE G 236 -34.87 13.69 11.28
CA PHE G 236 -34.33 14.61 10.31
C PHE G 236 -34.99 14.42 8.97
N LYS G 237 -35.27 13.15 8.61
CA LYS G 237 -35.89 12.83 7.35
C LYS G 237 -37.32 13.36 7.27
N ASP G 238 -38.07 13.23 8.36
CA ASP G 238 -39.45 13.67 8.33
C ASP G 238 -39.59 15.18 8.43
N LYS G 239 -38.62 15.83 9.07
CA LYS G 239 -38.77 17.21 9.09
C LYS G 239 -38.06 18.07 8.10
N VAL G 240 -36.93 17.60 7.51
CA VAL G 240 -36.26 18.31 6.51
C VAL G 240 -35.94 17.73 5.20
N ASP G 241 -36.66 17.09 4.69
CA ASP G 241 -36.36 16.07 3.80
C ASP G 241 -34.84 15.95 3.65
N VAL G 242 -34.29 14.78 3.91
CA VAL G 242 -32.86 14.54 3.91
C VAL G 242 -32.61 13.33 3.03
N ALA G 243 -31.72 13.37 2.01
CA ALA G 243 -31.42 12.25 1.13
C ALA G 243 -29.97 12.36 0.94
N SER G 244 -29.53 11.63 1.59
CA SER G 244 -28.39 10.95 1.48
C SER G 244 -27.66 11.13 2.78
N VAL G 245 -26.66 10.27 3.02
CA VAL G 245 -25.92 10.32 4.26
C VAL G 245 -24.42 10.25 4.08
N ILE G 246 -23.70 10.76 5.09
CA ILE G 246 -22.25 10.71 5.15
C ILE G 246 -21.96 10.04 6.46
N VAL G 247 -21.15 8.96 6.44
CA VAL G 247 -20.81 8.24 7.63
C VAL G 247 -19.40 8.65 8.00
N THR G 248 -19.24 9.37 9.13
CA THR G 248 -17.95 9.86 9.52
C THR G 248 -17.22 9.04 10.57
N LYS G 249 -15.91 9.37 10.74
CA LYS G 249 -15.04 8.76 11.70
C LYS G 249 -14.90 7.25 11.52
N LEU G 250 -14.86 6.79 10.29
CA LEU G 250 -14.71 5.38 10.02
C LEU G 250 -13.28 4.94 10.24
N ASP G 251 -12.37 5.88 10.47
CA ASP G 251 -10.99 5.51 10.72
C ASP G 251 -10.85 5.03 12.15
N GLY G 252 -11.97 5.06 12.91
CA GLY G 252 -11.97 4.52 14.25
C GLY G 252 -12.29 3.09 14.20
N HIS G 253 -12.62 2.45 15.34
CA HIS G 253 -12.92 1.03 15.32
C HIS G 253 -14.37 0.71 15.62
N ALA G 254 -15.24 1.72 15.57
CA ALA G 254 -16.65 1.49 15.80
C ALA G 254 -17.15 0.64 14.65
N LYS G 255 -18.02 -0.34 14.94
CA LYS G 255 -18.57 -1.22 13.95
C LYS G 255 -19.38 -0.57 12.88
N GLY G 256 -20.05 0.54 13.22
CA GLY G 256 -20.82 1.29 12.26
C GLY G 256 -22.23 0.83 11.98
N GLY G 257 -22.86 0.12 12.92
CA GLY G 257 -24.21 -0.35 12.72
C GLY G 257 -25.24 0.73 12.57
N GLY G 258 -24.93 1.94 13.04
CA GLY G 258 -25.83 3.06 12.91
C GLY G 258 -26.20 3.30 11.46
N ALA G 259 -25.29 2.95 10.54
CA ALA G 259 -25.52 3.11 9.11
C ALA G 259 -26.68 2.28 8.63
N LEU G 260 -26.78 1.04 9.11
CA LEU G 260 -27.86 0.17 8.72
C LEU G 260 -29.17 0.68 9.27
N SER G 261 -29.14 1.22 10.49
CA SER G 261 -30.32 1.76 11.11
C SER G 261 -30.85 2.92 10.30
N ALA G 262 -29.95 3.84 9.90
CA ALA G 262 -30.33 5.01 9.14
C ALA G 262 -30.83 4.65 7.76
N VAL G 263 -30.19 3.66 7.12
CA VAL G 263 -30.57 3.21 5.80
C VAL G 263 -31.94 2.57 5.82
N ALA G 264 -32.21 1.75 6.84
CA ALA G 264 -33.43 1.02 6.96
C ALA G 264 -34.65 1.91 7.09
N ALA G 265 -34.53 3.06 7.78
CA ALA G 265 -35.68 3.94 7.94
C ALA G 265 -35.79 5.08 6.95
N THR G 266 -34.72 5.41 6.21
CA THR G 266 -34.78 6.49 5.26
C THR G 266 -34.78 6.00 3.83
N LYS G 267 -34.19 4.87 3.50
CA LYS G 267 -34.09 4.46 2.14
C LYS G 267 -33.46 5.49 1.30
N SER G 268 -32.34 6.06 1.80
CA SER G 268 -31.55 7.04 1.10
C SER G 268 -30.12 6.50 1.14
N PRO G 269 -29.44 6.47 -0.02
CA PRO G 269 -28.14 5.85 -0.09
C PRO G 269 -27.10 6.72 0.67
N ILE G 270 -25.99 6.08 1.19
CA ILE G 270 -24.88 6.55 2.02
C ILE G 270 -23.87 6.94 0.99
N ILE G 271 -23.77 8.21 0.61
CA ILE G 271 -22.87 8.63 -0.43
C ILE G 271 -21.40 8.48 -0.09
N PHE G 272 -20.94 9.06 1.03
CA PHE G 272 -19.58 9.11 1.37
C PHE G 272 -19.19 8.61 2.74
N ILE G 273 -17.90 8.26 2.90
CA ILE G 273 -17.33 7.77 4.13
C ILE G 273 -16.26 8.77 4.54
N GLY G 274 -16.31 9.22 5.81
CA GLY G 274 -15.31 10.12 6.33
C GLY G 274 -14.28 9.18 6.94
N THR G 275 -13.00 9.08 6.50
CA THR G 275 -12.04 8.21 7.16
C THR G 275 -11.22 8.95 8.21
N GLY G 276 -10.27 9.80 7.80
CA GLY G 276 -9.45 10.50 8.75
C GLY G 276 -9.84 11.95 8.92
N GLU G 277 -9.02 12.72 9.64
CA GLU G 277 -9.29 14.12 9.91
C GLU G 277 -8.70 15.01 8.85
N HIS G 278 -7.93 14.45 7.90
CA HIS G 278 -7.32 15.22 6.86
C HIS G 278 -8.35 15.62 5.82
N ILE G 279 -8.16 16.82 5.23
CA ILE G 279 -9.07 17.39 4.26
C ILE G 279 -9.39 16.49 3.07
N ASP G 280 -8.46 15.60 2.69
CA ASP G 280 -8.66 14.72 1.55
C ASP G 280 -9.19 13.36 1.97
N ASP G 281 -9.50 13.18 3.26
CA ASP G 281 -9.96 11.88 3.72
C ASP G 281 -11.46 11.74 3.71
N PHE G 282 -11.95 11.82 2.54
CA PHE G 282 -13.26 11.50 2.11
C PHE G 282 -13.16 10.51 0.99
N GLU G 283 -14.12 9.56 0.93
CA GLU G 283 -14.13 8.57 -0.12
C GLU G 283 -15.54 8.01 -0.30
N PRO G 284 -17.39 6.96 -0.14
CA PRO G 284 -17.12 6.30 -1.42
C PRO G 284 -17.04 4.77 -1.54
N PHE G 285 -16.36 4.19 -0.56
CA PHE G 285 -16.17 2.74 -0.48
C PHE G 285 -17.48 1.97 -0.31
N LYS G 286 -18.33 2.54 0.54
CA LYS G 286 -19.65 1.99 0.84
C LYS G 286 -19.44 0.81 1.79
N THR G 287 -20.50 0.04 1.98
CA THR G 287 -20.50 -1.15 2.84
C THR G 287 -19.47 -2.23 2.55
N GLN G 288 -18.94 -2.24 1.40
CA GLN G 288 -17.94 -3.22 0.94
C GLN G 288 -16.75 -3.25 1.91
N PRO G 289 -16.30 -2.11 2.39
CA PRO G 289 -15.00 -2.02 3.09
C PRO G 289 -15.23 -2.50 4.50
N PHE G 290 -16.38 -2.12 5.05
CA PHE G 290 -16.82 -2.67 6.37
C PHE G 290 -17.01 -4.18 6.29
N ILE G 291 -17.87 -4.59 5.35
CA ILE G 291 -17.87 -6.01 5.01
C ILE G 291 -16.44 -6.50 5.20
N SER G 292 -15.55 -5.93 4.40
CA SER G 292 -14.12 -6.24 4.43
C SER G 292 -13.60 -6.05 5.85
N LYS G 293 -14.09 -5.00 6.49
CA LYS G 293 -13.72 -4.64 7.86
C LYS G 293 -14.02 -5.74 8.89
N LEU G 294 -17.11 -7.63 8.89
CA LEU G 294 -15.76 -7.03 8.86
C LEU G 294 -14.87 -8.29 8.75
N LEU G 295 -13.77 -8.23 8.00
CA LEU G 295 -12.95 -9.41 7.79
C LEU G 295 -11.46 -9.00 7.81
N GLY G 296 -10.66 -10.04 7.74
CA GLY G 296 -9.19 -9.87 7.69
C GLY G 296 -8.82 -9.37 6.31
N MET G 297 -9.80 -9.30 5.37
CA MET G 297 -9.47 -8.81 4.02
C MET G 297 -9.42 -7.30 3.99
N GLY G 298 -9.94 -6.64 5.03
CA GLY G 298 -9.86 -5.18 5.10
C GLY G 298 -8.44 -4.77 5.50
N ASP G 299 -7.34 -5.72 4.57
CA ASP G 299 -6.03 -5.34 3.97
C ASP G 299 -5.90 -5.94 2.62
N ILE G 300 -7.12 -6.68 2.01
CA ILE G 300 -7.55 -6.88 0.62
C ILE G 300 -8.32 -5.65 0.13
N GLU G 301 -9.44 -5.40 0.78
CA GLU G 301 -10.33 -4.27 0.47
C GLU G 301 -9.48 -3.00 0.33
N GLY G 302 -8.58 -2.85 1.29
CA GLY G 302 -7.66 -1.71 1.34
C GLY G 302 -7.26 -1.47 -0.12
N LEU G 303 -6.55 -2.45 -0.65
CA LEU G 303 -6.09 -2.44 -2.04
C LEU G 303 -7.10 -2.44 -3.18
N ILE G 304 -8.12 -1.33 -2.59
CA ILE G 304 -8.86 -0.29 -3.27
C ILE G 304 -7.99 0.92 -3.12
N ASP G 305 -7.70 1.24 -1.86
CA ASP G 305 -6.86 2.37 -1.53
C ASP G 305 -5.63 2.29 -2.43
N LYS G 306 -5.10 1.08 -2.58
CA LYS G 306 -3.95 0.90 -3.44
C LYS G 306 -4.36 1.54 -4.74
N VAL G 307 -5.28 0.90 -5.45
CA VAL G 307 -5.73 1.45 -6.71
C VAL G 307 -6.37 2.80 -6.49
N ASN G 308 -7.62 2.77 -6.06
CA ASN G 308 -8.36 3.99 -5.78
C ASN G 308 -7.45 4.85 -4.91
N GLU G 309 -6.84 5.87 -5.54
CA GLU G 309 -5.90 6.84 -4.93
C GLU G 309 -4.53 6.66 -5.56
N LEU G 310 -4.48 5.90 -6.65
CA LEU G 310 -3.20 5.70 -7.30
C LEU G 310 -3.19 6.23 -8.69
N LYS G 311 -4.35 6.20 -9.30
CA LYS G 311 -4.55 6.76 -10.61
C LYS G 311 -4.01 8.14 -10.32
N LEU G 312 -4.22 8.51 -9.06
CA LEU G 312 -3.79 9.77 -8.50
C LEU G 312 -2.46 10.08 -9.18
N ASP G 313 -1.57 9.10 -9.18
CA ASP G 313 -0.26 9.29 -9.81
C ASP G 313 -0.50 9.70 -11.26
N ASP G 314 -0.03 7.93 -13.96
CA ASP G 314 -0.41 9.07 -13.10
C ASP G 314 -0.76 10.29 -14.13
N ASN G 315 -1.67 11.81 -13.11
CA ASN G 315 -2.12 12.41 -14.38
C ASN G 315 -1.70 13.87 -14.50
N GLU G 316 -1.15 14.18 -15.65
CA GLU G 316 -0.62 15.49 -16.01
C GLU G 316 0.55 15.90 -15.11
N ALA G 317 1.10 14.94 -14.37
CA ALA G 317 2.20 15.31 -13.43
C ALA G 317 1.69 16.27 -12.37
N LEU G 318 0.45 16.10 -11.92
CA LEU G 318 -0.13 16.99 -10.91
C LEU G 318 0.60 16.93 -9.56
N ILE G 319 1.06 15.42 -9.44
CA ILE G 319 1.84 14.91 -8.32
C ILE G 319 2.92 15.92 -7.92
N GLU G 320 3.06 17.07 -8.51
CA GLU G 320 4.03 18.10 -8.24
C GLU G 320 5.41 17.68 -8.64
N LYS G 321 5.36 16.85 -9.62
CA LYS G 321 6.61 16.30 -10.19
C LYS G 321 7.49 15.62 -9.17
N LEU G 322 7.77 15.39 -8.74
CA LEU G 322 7.80 14.73 -7.39
C LEU G 322 6.96 13.52 -7.32
N LYS G 323 6.59 13.06 -6.12
CA LYS G 323 5.76 11.80 -6.04
C LYS G 323 6.72 10.73 -6.61
N HIS G 324 6.18 9.79 -7.38
CA HIS G 324 6.99 8.74 -7.98
C HIS G 324 7.58 9.14 -9.33
N GLY G 325 7.14 9.71 -10.32
CA GLY G 325 7.50 10.57 -11.45
C GLY G 325 9.01 10.84 -11.57
N GLN G 326 9.31 12.14 -11.66
CA GLN G 326 10.71 12.53 -11.83
C GLN G 326 11.55 12.17 -10.59
N PHE G 327 10.87 12.15 -9.45
CA PHE G 327 11.58 11.84 -8.20
C PHE G 327 12.10 10.39 -8.19
N THR G 328 11.37 9.83 -9.11
CA THR G 328 11.45 8.44 -9.59
C THR G 328 12.81 8.00 -10.13
N LEU G 329 13.70 8.98 -10.22
CA LEU G 329 15.07 8.78 -10.71
C LEU G 329 15.89 7.99 -9.69
N ARG G 330 15.83 8.47 -8.45
CA ARG G 330 16.53 7.86 -7.32
C ARG G 330 16.18 6.38 -7.16
N ASP G 331 15.25 5.95 -8.00
CA ASP G 331 14.76 4.57 -8.03
C ASP G 331 15.83 3.76 -8.76
N MET G 332 15.38 5.25 -6.47
CA MET G 332 15.34 5.02 -5.04
C MET G 332 14.45 6.07 -4.40
N TYR G 333 14.50 7.30 -4.92
CA TYR G 333 13.69 8.40 -4.41
C TYR G 333 12.21 8.04 -4.53
N GLU G 334 11.85 7.52 -5.70
CA GLU G 334 10.48 7.14 -6.02
C GLU G 334 9.95 5.98 -5.18
N GLN G 335 10.79 4.98 -4.96
CA GLN G 335 10.41 3.84 -4.13
C GLN G 335 10.13 4.33 -2.72
N PHE G 336 10.92 5.30 -2.26
CA PHE G 336 10.73 5.85 -0.92
C PHE G 336 9.39 6.57 -0.83
N GLN G 337 8.97 7.21 -1.93
CA GLN G 337 7.69 7.92 -1.93
C GLN G 337 6.54 6.94 -1.81
N ASN G 338 6.61 5.85 -2.58
CA ASN G 338 5.58 4.80 -2.57
C ASN G 338 5.48 4.07 -1.24
N ILE G 339 6.61 3.86 -0.59
CA ILE G 339 6.65 3.19 0.70
C ILE G 339 6.03 4.07 1.80
N MET G 340 6.73 7.49 2.68
CA MET G 340 5.83 8.08 1.67
C MET G 340 4.81 7.03 1.22
N LYS G 341 3.98 7.13 0.22
CA LYS G 341 2.53 6.95 0.18
C LYS G 341 2.18 5.52 0.58
N MET G 342 3.21 4.69 0.64
CA MET G 342 3.01 3.26 0.97
C MET G 342 3.05 3.09 2.49
N GLY G 343 2.80 4.18 3.20
CA GLY G 343 2.81 4.15 4.65
C GLY G 343 1.48 4.68 5.19
N PRO G 344 0.58 7.28 5.00
CA PRO G 344 0.41 6.13 4.10
C PRO G 344 -0.06 4.94 4.97
N PHE G 345 -2.98 3.30 6.25
CA PHE G 345 -1.94 3.43 5.23
C PHE G 345 -1.53 2.02 4.74
N SER G 346 -2.02 1.01 5.43
CA SER G 346 -1.58 -0.28 5.03
C SER G 346 -2.81 -0.98 4.45
N GLN G 347 -2.67 -1.31 3.18
CA GLN G 347 -3.59 -1.98 2.30
C GLN G 347 -3.68 -3.45 2.63
N ILE G 348 -2.51 -4.05 2.91
CA ILE G 348 -2.50 -5.48 3.26
C ILE G 348 -1.23 -5.88 3.99
N LEU G 349 -1.66 -6.85 4.35
CA LEU G 349 -0.52 -7.18 5.22
C LEU G 349 0.72 -7.22 4.31
N GLY G 350 1.76 -6.62 4.86
CA GLY G 350 3.08 -6.59 4.22
C GLY G 350 3.76 -7.96 4.35
N MET G 351 3.95 -8.61 3.18
CA MET G 351 4.38 -10.01 3.18
C MET G 351 5.80 -10.14 3.73
N ILE G 352 6.14 -9.32 3.96
CA ILE G 352 7.16 -8.45 4.00
C ILE G 352 8.41 -9.20 3.59
N PRO G 353 8.55 -10.49 3.85
CA PRO G 353 9.80 -11.21 3.64
C PRO G 353 10.63 -11.39 5.00
N GLY G 354 10.25 -10.79 6.17
CA GLY G 354 11.00 -10.88 7.54
C GLY G 354 10.15 -11.13 8.82
N PHE G 355 10.54 -11.40 9.61
CA PHE G 355 10.41 -11.23 11.06
C PHE G 355 11.71 -11.44 11.80
N GLY G 356 12.03 -10.43 12.62
CA GLY G 356 13.19 -10.35 13.48
C GLY G 356 12.96 -9.21 14.48
N THR G 357 12.23 -9.50 15.51
CA THR G 357 11.77 -8.61 16.61
C THR G 357 10.66 -7.75 16.05
N ASP G 358 10.84 -7.95 15.11
CA ASP G 358 10.17 -6.65 14.81
C ASP G 358 9.33 -6.11 15.97
N PHE G 359 9.14 -6.95 16.97
CA PHE G 359 8.47 -6.46 18.17
C PHE G 359 7.05 -5.95 17.91
N MET G 360 6.29 -6.72 17.09
CA MET G 360 4.90 -6.34 16.77
C MET G 360 4.79 -5.51 15.48
N SER G 361 5.33 -4.77 15.39
CA SER G 361 5.84 -4.26 14.09
C SER G 361 4.86 -4.65 13.00
N LYS G 362 3.69 -4.95 13.55
CA LYS G 362 2.56 -5.35 12.71
C LYS G 362 2.10 -4.11 11.93
N GLY G 363 2.00 -3.03 12.69
CA GLY G 363 1.52 -1.77 12.09
C GLY G 363 2.11 -0.53 12.77
N ASN G 364 2.15 0.49 12.59
CA ASN G 364 1.92 1.92 12.79
C ASN G 364 1.95 2.51 11.24
N GLU G 365 1.08 3.46 10.99
CA GLU G 365 1.09 4.18 9.71
C GLU G 365 2.30 5.13 9.65
N GLN G 366 1.47 6.00 10.97
CA GLN G 366 1.21 7.00 10.66
C GLN G 366 0.00 7.77 10.11
N GLU G 367 3.17 5.97 11.66
CA GLU G 367 4.68 6.23 12.06
C GLU G 367 5.52 5.79 10.88
N SER G 368 4.98 4.90 10.08
CA SER G 368 5.67 4.37 8.91
C SER G 368 5.96 5.43 7.88
N MET G 369 5.05 6.38 7.72
CA MET G 369 5.25 7.45 6.76
C MET G 369 6.23 8.50 7.28
N ALA G 370 6.24 8.71 8.60
CA ALA G 370 7.17 9.68 9.21
C ALA G 370 8.61 9.21 9.00
N ARG G 371 8.78 7.90 8.86
CA ARG G 371 10.08 7.27 8.62
C ARG G 371 10.56 7.58 7.21
N LEU G 372 9.70 7.36 6.22
CA LEU G 372 10.07 7.63 4.84
C LEU G 372 10.45 9.09 4.68
N LYS G 373 9.73 9.97 5.38
CA LYS G 373 10.00 11.41 5.30
C LYS G 373 11.37 11.76 5.86
N LYS G 374 11.79 11.06 6.91
CA LYS G 374 13.10 11.31 7.50
C LYS G 374 14.22 10.83 6.58
N LEU G 375 13.96 9.74 5.85
CA LEU G 375 14.94 9.23 4.91
C LEU G 375 15.06 10.18 3.73
N MET G 376 13.95 10.84 3.41
CA MET G 376 13.89 11.80 2.32
C MET G 376 14.69 13.03 2.71
N THR G 377 14.62 13.42 3.98
CA THR G 377 15.36 14.59 4.44
C THR G 377 16.87 14.31 4.40
N ILE G 378 17.25 13.04 4.55
CA ILE G 378 18.65 12.66 4.50
C ILE G 378 19.14 12.73 3.06
N MET G 379 18.29 12.29 2.12
CA MET G 379 18.64 12.35 0.70
C MET G 379 18.59 13.79 0.18
N ASP G 380 18.00 14.69 0.97
CA ASP G 380 17.91 16.11 0.61
C ASP G 380 19.29 16.75 0.80
N SER G 381 20.13 16.08 1.59
CA SER G 381 21.49 16.52 1.88
C SER G 381 22.49 15.97 0.87
N MET G 382 22.02 15.07 0.00
CA MET G 382 22.87 14.48 -1.03
C MET G 382 22.86 15.40 -2.25
N ASN G 383 23.75 15.18 -3.19
CA ASN G 383 23.80 16.00 -4.40
C ASN G 383 23.44 15.19 -5.62
N ASP G 384 23.34 15.86 -6.77
CA ASP G 384 22.96 15.21 -8.01
C ASP G 384 23.81 14.00 -8.40
N GLN G 385 25.12 14.09 -8.19
CA GLN G 385 26.03 13.00 -8.54
C GLN G 385 25.66 11.75 -7.75
N GLU G 386 25.49 11.93 -6.46
CA GLU G 386 25.13 10.84 -5.57
C GLU G 386 23.71 10.31 -5.82
N LEU G 387 22.78 11.22 -6.14
CA LEU G 387 21.39 10.85 -6.41
C LEU G 387 21.12 10.14 -7.73
N ASP G 388 21.82 10.52 -8.79
CA ASP G 388 21.63 9.92 -10.10
C ASP G 388 22.65 8.85 -10.45
N SER G 389 23.52 8.54 -9.50
CA SER G 389 24.54 7.52 -9.69
C SER G 389 23.89 6.14 -9.83
N THR G 390 24.42 5.33 -10.75
CA THR G 390 23.91 3.98 -10.99
C THR G 390 23.91 3.18 -9.68
N ASP G 391 24.91 3.46 -8.83
CA ASP G 391 25.04 2.83 -7.53
C ASP G 391 25.45 3.90 -6.52
N GLY G 392 24.47 4.57 -5.94
CA GLY G 392 24.72 5.62 -4.97
C GLY G 392 25.46 5.16 -3.73
N ALA G 393 25.30 3.89 -3.37
CA ALA G 393 25.98 3.34 -2.19
C ALA G 393 27.49 3.27 -2.44
N LYS G 394 27.85 3.01 -3.69
CA LYS G 394 29.24 2.91 -4.11
C LYS G 394 29.98 4.26 -4.04
N VAL G 395 29.26 5.33 -4.39
CA VAL G 395 29.84 6.67 -4.38
C VAL G 395 30.27 7.08 -2.98
N PHE G 396 29.68 6.46 -1.96
CA PHE G 396 30.02 6.76 -0.58
C PHE G 396 31.07 5.80 0.00
N SER G 397 31.28 4.68 -0.69
CA SER G 397 32.28 3.67 -0.28
C SER G 397 33.66 4.16 -0.68
N LYS G 398 33.72 4.84 -1.83
CA LYS G 398 34.95 5.39 -2.37
C LYS G 398 35.29 6.75 -1.76
N GLN G 399 34.27 7.49 -1.35
CA GLN G 399 34.47 8.81 -0.77
C GLN G 399 33.70 8.96 0.56
N PRO G 400 34.13 8.23 1.61
CA PRO G 400 33.46 8.29 2.92
C PRO G 400 33.36 9.67 3.55
N GLY G 401 34.02 10.66 2.95
CA GLY G 401 33.95 12.01 3.46
C GLY G 401 32.54 12.54 3.22
N ARG G 402 31.95 12.13 2.10
CA ARG G 402 30.59 12.51 1.69
C ARG G 402 29.53 12.11 2.72
N ILE G 403 29.74 10.97 3.38
CA ILE G 403 28.82 10.47 4.39
C ILE G 403 28.72 11.46 5.54
N GLN G 404 29.87 12.00 5.95
CA GLN G 404 29.95 12.96 7.04
C GLN G 404 29.15 14.25 6.76
N ARG G 405 29.22 14.74 5.52
CA ARG G 405 28.51 15.96 5.11
C ARG G 405 26.98 15.80 5.15
N VAL G 406 26.50 14.72 4.51
CA VAL G 406 25.08 14.38 4.45
C VAL G 406 24.48 14.33 5.85
N ALA G 407 25.22 13.72 6.77
CA ALA G 407 24.82 13.58 8.17
C ALA G 407 24.75 14.92 8.87
N ARG G 408 25.71 15.80 8.56
CA ARG G 408 25.74 17.13 9.17
C ARG G 408 24.53 17.95 8.76
N GLY G 409 24.29 18.00 7.45
CA GLY G 409 23.18 18.76 6.90
C GLY G 409 21.79 18.30 7.28
N SER G 410 21.62 17.00 7.45
CA SER G 410 20.31 16.45 7.82
C SER G 410 20.05 16.27 9.32
N GLY G 411 20.97 16.73 10.17
CA GLY G 411 20.80 16.59 11.61
C GLY G 411 20.71 15.14 12.09
N VAL G 412 21.31 14.24 11.32
CA VAL G 412 21.32 12.81 11.60
C VAL G 412 22.76 12.33 11.91
N SER G 413 22.91 11.10 12.40
CA SER G 413 24.23 10.57 12.71
C SER G 413 24.84 9.84 11.51
N THR G 414 26.15 9.61 11.59
CA THR G 414 26.87 8.92 10.54
C THR G 414 26.25 7.54 10.30
N ARG G 415 25.91 6.84 11.37
CA ARG G 415 25.31 5.50 11.23
C ARG G 415 23.98 5.55 10.48
N ASP G 416 23.17 6.58 10.75
CA ASP G 416 21.87 6.72 10.10
C ASP G 416 21.98 6.80 8.58
N VAL G 417 23.04 7.45 8.09
CA VAL G 417 23.26 7.57 6.65
C VAL G 417 23.72 6.24 6.05
N GLN G 418 24.53 5.49 6.79
CA GLN G 418 25.01 4.20 6.31
C GLN G 418 23.83 3.23 6.29
N GLU G 419 22.90 3.40 7.24
CA GLU G 419 21.69 2.58 7.34
C GLU G 419 20.83 2.80 6.10
N LEU G 420 20.60 4.08 5.78
CA LEU G 420 19.83 4.44 4.60
C LEU G 420 20.49 3.81 3.38
N LEU G 421 21.81 3.91 3.32
CA LEU G 421 22.56 3.35 2.19
C LEU G 421 22.43 1.85 2.09
N THR G 422 22.40 1.17 3.24
CA THR G 422 22.26 -0.29 3.25
C THR G 422 20.85 -0.64 2.79
N GLN G 423 19.86 0.09 3.31
CA GLN G 423 18.44 -0.13 2.94
C GLN G 423 18.26 0.11 1.45
N TYR G 424 18.87 1.16 0.93
CA TYR G 424 18.80 1.47 -0.49
C TYR G 424 19.37 0.30 -1.31
N THR G 425 20.43 -0.30 -0.78
CA THR G 425 21.09 -1.42 -1.44
C THR G 425 20.14 -2.60 -1.58
N LYS G 426 19.48 -2.94 -0.47
CA LYS G 426 18.52 -4.05 -0.41
C LYS G 426 17.30 -3.76 -1.29
N PHE G 427 16.91 -2.49 -1.34
CA PHE G 427 15.76 -2.03 -2.13
C PHE G 427 16.06 -2.21 -3.62
N ALA G 428 17.21 -1.69 -4.04
CA ALA G 428 17.64 -1.76 -5.43
C ALA G 428 17.89 -3.20 -5.91
N GLN G 429 18.33 -4.06 -4.99
CA GLN G 429 18.58 -5.46 -5.34
C GLN G 429 17.30 -6.09 -5.82
N MET G 430 14.79 -6.22 -4.08
CA MET G 430 13.83 -6.70 -5.07
C MET G 430 14.03 -5.92 -6.38
N VAL G 431 13.96 -4.60 -6.26
CA VAL G 431 14.08 -3.75 -7.45
C VAL G 431 15.17 -4.30 -8.37
N LYS G 432 16.01 -5.15 -7.81
CA LYS G 432 17.09 -5.75 -8.59
C LYS G 432 16.76 -7.21 -8.91
N LYS G 433 15.32 -10.22 -6.74
CA LYS G 433 14.34 -9.56 -7.63
C LYS G 433 15.13 -9.07 -8.83
N MET G 434 14.67 -9.33 -10.01
CA MET G 434 15.36 -8.95 -11.24
C MET G 434 14.59 -8.06 -12.18
N GLY G 435 15.26 -7.24 -13.00
CA GLY G 435 16.70 -7.10 -13.12
C GLY G 435 17.37 -6.27 -12.07
N GLY G 436 16.55 -5.49 -11.35
CA GLY G 436 17.13 -4.55 -10.34
C GLY G 436 17.13 -3.14 -10.94
N ILE G 437 18.10 -2.31 -10.61
CA ILE G 437 18.13 -0.92 -11.16
C ILE G 437 19.19 -0.77 -12.22
N LYS G 438 18.26 -1.41 -12.62
CA LYS G 438 18.39 -0.77 -13.95
C LYS G 438 17.27 -1.04 -14.86
N GLY G 439 16.80 -2.27 -14.85
CA GLY G 439 15.66 -2.53 -15.84
C GLY G 439 14.37 -1.86 -15.33
N LEU G 440 14.25 -1.77 -14.00
CA LEU G 440 13.03 -1.12 -13.49
C LEU G 440 13.07 0.42 -13.74
N PHE G 441 14.29 0.98 -13.62
CA PHE G 441 14.37 2.39 -13.91
C PHE G 441 14.09 2.74 -15.33
N LYS G 442 14.66 1.92 -16.18
CA LYS G 442 14.42 2.07 -17.66
C LYS G 442 12.98 1.92 -17.97
N GLY G 443 12.45 1.01 -18.54
CA GLY G 443 11.04 0.77 -18.20
C GLY G 443 10.67 1.88 -17.20
N GLY G 444 11.50 1.98 -16.18
CA GLY G 444 11.34 2.98 -15.12
C GLY G 444 11.83 4.38 -15.48
N ASP G 445 13.93 4.71 -16.90
CA ASP G 445 13.35 6.03 -16.80
C ASP G 445 12.28 6.29 -17.88
N MET G 446 12.24 5.49 -18.88
CA MET G 446 11.31 5.62 -20.01
C MET G 446 9.90 5.11 -19.75
N SER G 447 9.73 4.54 -18.54
CA SER G 447 8.40 3.98 -18.18
C SER G 447 8.27 3.97 -16.65
N LYS G 448 7.03 3.78 -16.20
CA LYS G 448 6.78 3.73 -14.74
C LYS G 448 5.44 4.35 -14.36
N ASN G 449 5.26 5.41 -14.39
CA ASN G 449 3.98 5.81 -14.88
C ASN G 449 4.19 5.71 -16.31
N VAL G 450 4.76 6.73 -17.03
CA VAL G 450 4.84 6.71 -18.56
C VAL G 450 5.19 5.32 -19.14
N SER G 451 5.69 4.70 -18.20
CA SER G 451 5.89 3.33 -18.58
C SER G 451 4.75 2.27 -18.14
N GLN G 452 3.84 2.76 -17.57
CA GLN G 452 2.38 2.39 -17.51
C GLN G 452 1.57 3.45 -18.24
N SER G 453 2.11 4.66 -18.29
CA SER G 453 1.44 5.75 -19.02
C SER G 453 1.54 5.35 -20.44
N GLN G 454 2.90 5.28 -20.83
CA GLN G 454 3.07 4.70 -22.22
C GLN G 454 1.94 3.77 -22.42
N MET G 455 1.91 2.73 -21.59
CA MET G 455 0.86 1.66 -21.67
C MET G 455 -0.50 2.35 -21.55
N ALA G 456 -0.56 3.36 -20.69
CA ALA G 456 -1.82 4.10 -20.51
C ALA G 456 -2.35 4.80 -21.73
N LYS G 457 -1.28 5.44 -22.29
CA LYS G 457 -1.65 5.94 -23.65
C LYS G 457 -1.93 4.89 -24.65
N LEU G 458 -1.16 3.81 -24.72
CA LEU G 458 -1.45 2.71 -25.73
C LEU G 458 -2.65 1.87 -25.39
N ASN G 459 -2.96 1.68 -24.11
CA ASN G 459 -4.13 0.75 -23.83
C ASN G 459 -4.84 1.51 -22.65
N GLN G 460 -5.60 2.52 -23.07
CA GLN G 460 -6.31 3.38 -22.17
C GLN G 460 -7.46 2.80 -21.37
N GLN G 461 -6.95 4.42 -24.13
CA GLN G 461 -7.97 5.05 -24.99
C GLN G 461 -9.24 4.29 -24.97
N MET G 462 -10.35 5.00 -25.07
CA MET G 462 -11.70 4.34 -25.18
C MET G 462 -12.17 3.82 -23.79
N ALA G 463 -11.28 3.61 -22.84
CA ALA G 463 -11.70 3.08 -21.57
C ALA G 463 -12.36 4.26 -20.80
N LYS G 464 -13.43 3.98 -20.06
CA LYS G 464 -14.08 5.03 -19.34
C LYS G 464 -13.15 5.33 -18.06
N MET G 465 -13.53 6.22 -17.14
CA MET G 465 -12.68 6.45 -16.04
C MET G 465 -12.45 5.30 -15.05
N MET G 466 -13.51 4.57 -14.77
CA MET G 466 -13.43 3.35 -13.95
C MET G 466 -12.45 2.40 -14.57
N ASP G 467 -12.47 2.34 -15.91
CA ASP G 467 -11.62 1.38 -16.65
C ASP G 467 -10.14 1.85 -16.52
N PRO G 468 -9.90 3.15 -16.58
CA PRO G 468 -8.57 3.63 -16.54
C PRO G 468 -7.94 3.41 -15.12
N ARG G 469 -8.74 3.58 -14.07
CA ARG G 469 -8.26 3.34 -12.74
C ARG G 469 -7.91 1.88 -12.56
N VAL G 470 -8.72 1.01 -13.16
CA VAL G 470 -8.46 -0.45 -13.12
C VAL G 470 -7.07 -0.68 -13.73
N LEU G 471 -6.88 -0.10 -14.91
CA LEU G 471 -5.66 -0.28 -15.69
C LEU G 471 -4.47 0.35 -14.81
N HIS G 472 -4.69 1.51 -14.21
CA HIS G 472 -3.66 2.10 -13.44
C HIS G 472 -3.24 1.25 -12.21
N HIS G 473 -4.21 0.55 -11.64
CA HIS G 473 -3.93 -0.33 -10.56
C HIS G 473 -3.12 -1.51 -11.00
N MET G 474 -3.43 -1.98 -12.21
CA MET G 474 -2.74 -3.16 -12.79
C MET G 474 -1.25 -2.69 -12.97
N GLY G 475 -1.04 -1.42 -13.30
CA GLY G 475 0.28 -0.95 -13.54
C GLY G 475 0.97 -0.64 -12.15
N GLY G 476 1.34 0.51 -10.29
CA GLY G 476 0.83 -0.79 -9.89
C GLY G 476 1.60 -1.87 -10.66
N MET G 477 1.74 -2.93 -9.91
CA MET G 477 2.31 -4.18 -10.37
C MET G 477 3.81 -4.26 -10.41
N ALA G 478 4.57 -3.24 -10.75
CA ALA G 478 6.04 -3.47 -10.83
C ALA G 478 6.35 -4.92 -10.45
N GLY G 479 5.68 -5.81 -11.18
CA GLY G 479 5.73 -7.26 -11.10
C GLY G 479 4.46 -8.00 -10.72
N LEU G 480 3.65 -7.01 -12.34
CA LEU G 480 2.79 -7.16 -13.52
C LEU G 480 3.33 -6.23 -14.61
N GLN G 481 4.52 -7.13 -14.84
CA GLN G 481 5.22 -7.95 -15.82
C GLN G 481 5.60 -9.32 -15.23
N SER G 482 6.02 -9.38 -13.95
CA SER G 482 6.34 -10.68 -13.37
C SER G 482 5.21 -11.61 -13.33
N MET G 483 4.03 -11.07 -13.08
CA MET G 483 2.78 -11.89 -13.10
C MET G 483 2.55 -12.42 -14.47
N MET G 484 2.62 -11.53 -15.45
CA MET G 484 2.29 -11.90 -16.87
C MET G 484 3.31 -12.92 -17.38
N ARG G 485 4.59 -12.74 -17.07
CA ARG G 485 5.58 -13.68 -17.57
C ARG G 485 5.50 -15.00 -16.82
N GLN G 486 5.16 -14.96 -15.55
CA GLN G 486 4.95 -16.20 -14.82
C GLN G 486 3.79 -16.90 -15.39
N PHE G 487 2.77 -16.13 -15.73
CA PHE G 487 1.51 -16.68 -16.36
C PHE G 487 1.92 -17.50 -17.54
N GLN G 488 2.80 -16.96 -18.38
CA GLN G 488 3.17 -17.66 -19.63
C GLN G 488 4.06 -18.87 -19.31
#